data_1JEY
#
_entry.id   1JEY
#
_cell.length_a   83.920
_cell.length_b   126.305
_cell.length_c   126.436
_cell.angle_alpha   90.00
_cell.angle_beta   90.00
_cell.angle_gamma   90.00
#
_symmetry.space_group_name_H-M   'P 21 21 21'
#
loop_
_entity.id
_entity.type
_entity.pdbx_description
1 polymer "DNA (5'-D(*GP*TP*TP*TP*TP*TP*AP*GP*TP*TP*TP*AP*TP*TP*GP*GP*GP*CP*GP*CP*G)-3')"
2 polymer 'DNA (34-MER)'
3 polymer Ku70
4 polymer Ku80
5 water water
#
loop_
_entity_poly.entity_id
_entity_poly.type
_entity_poly.pdbx_seq_one_letter_code
_entity_poly.pdbx_strand_id
1 'polydeoxyribonucleotide'
;(DG)(DT)(DT)(DT)(DT)(DT)(DA)(DG)(DT)(DT)(DT)(DA)(DT)(DT)(DG)(DG)(DG)(DC)(DG)(DC)
(DG)
;
C
2 'polydeoxyribonucleotide'
;(DC)(DG)(DC)(DG)(DC)(DC)(DC)(DA)(DG)(DC)(DT)(DT)(DT)(DC)(DC)(DC)(DA)(DG)(DC)(DT)
(DA)(DA)(DT)(DA)(DA)(DA)(DC)(DT)(DA)(DA)(DA)(DA)(DA)(DC)
;
D
3 'polypeptide(L)'
;MSGWESYYKTEGDEEAEEEQEENLEASGDYKYSGRDSLIFLVDASKAMFESQSEDELTPFDMSIQCIQSVYISKIISSDR
DLLAVVFYGTEKDKNSVNFKNIYVLQELDNPGAKRILELDQFKGQQGQKRFQDMMGHGSDYSLSEVLWVCANLFSDVQFK
MSHKRIMLFTNEDNPHGNDSAKASRARTKAGDLRDTGIFLDLMHLKKPGGFDISLFYRDIISIAEDEDLRVHFEESSKLE
DLLRKVRAKETRKRALSRLKLKLNKDIVISVGIYNLVQKALKPPPIKLYRETNEPVKTKTRTFNTSTGGLLLPSDTKRSQ
IYGSRQIILEKEETEELKRFDDPGLMLMGFKPLVLLKKHHYLRPSLFVYPEESLVIGSSTLFSALLIKCLEKEVAALCRY
TPRRNIPPYFVALVPQEEELDDQKIQVTPPGFQLVFLPFADDKRKMPFTEKIMATPEQVGKMKAIVEKLRFTYRSDSFEN
PVLQQHFRNLEALALDLMEPEQAVDLTLPKVEAMNKRLGSLVDEFKELVYPPDYNPEGKVTKRKHDNEGSGSKRPKVEYS
EEELKTHISKGTLGKFTVPMLKEACRAYGLKSGLKKQELLEALTKHFQD
;
A
4 'polypeptide(L)'
;MVRSGNKAAVVLCMDVGFTMSNSIPGIESPFEQAKKVITMFVQRQVFAENKDEIALVLFGTDGTDNPLSGGDQYQNITVH
RHLMLPDFDLLEDIESKIQPGSQQADFLDALIVSMDVIQHETIGKKFEKRHIEIFTDLSSRFSKSQLDIIIHSLKKCDIS
LQFFLPFSLGKEDGSGDRGDGPFRLGGHGPSFPLKGITEQQKEGLEIVKMVMISLEGEDGLDEIYSFSESLRKLCVFKKI
ERHSIHWPCRLTIGSNLSIRIAAYKSILQERVKKTWTVVDAKTLKKEDIQKETVYCLNDDDETEVLKEDIIQGFRYGSDI
VPFSKVDEEQMKYKSEGKCFSVLGFCKSSQVQRRFFMGNQVLKVFAARDDEAAAVALSSLIHALDDLDMVAIVRYAYDKR
ANPQVGVAFPHIKHNYECLVYVQLPFMEDLRQYMFSSLKNSKKYAPTEAQLNAVDALIDSMSLAKKDEKTDTLEDLFPTT
KIPNPRFQRLFQCLLHRALHPREPLPPIQQHIWNMLNPPAEVTTKSQIPLSKIKTLFPLIEAKKKDQVTAQEIFQDNHED
GPTAK
;
B
#
loop_
_chem_comp.id
_chem_comp.type
_chem_comp.name
_chem_comp.formula
DA DNA linking 2'-DEOXYADENOSINE-5'-MONOPHOSPHATE 'C10 H14 N5 O6 P'
DC DNA linking 2'-DEOXYCYTIDINE-5'-MONOPHOSPHATE 'C9 H14 N3 O7 P'
DG DNA linking 2'-DEOXYGUANOSINE-5'-MONOPHOSPHATE 'C10 H14 N5 O7 P'
DT DNA linking THYMIDINE-5'-MONOPHOSPHATE 'C10 H15 N2 O8 P'
#
# COMPACT_ATOMS: atom_id res chain seq x y z
N GLY C 34 -2.62 -27.73 11.03
CA GLY C 34 -2.71 -26.25 10.93
C GLY C 34 -1.71 -25.55 11.85
N ARG C 35 -1.12 -26.33 12.75
CA ARG C 35 -0.13 -25.82 13.70
C ARG C 35 1.25 -26.40 13.43
N ASP C 36 2.20 -25.52 13.13
CA ASP C 36 3.56 -25.99 12.90
C ASP C 36 4.20 -26.24 14.26
N SER C 37 5.23 -27.09 14.27
CA SER C 37 5.93 -27.42 15.50
C SER C 37 7.44 -27.14 15.44
N LEU C 38 7.91 -26.45 16.47
CA LEU C 38 9.33 -26.11 16.56
C LEU C 38 9.87 -26.48 17.94
N ILE C 39 10.88 -27.34 17.94
CA ILE C 39 11.50 -27.75 19.18
C ILE C 39 12.86 -27.09 19.22
N PHE C 40 13.15 -26.37 20.31
CA PHE C 40 14.46 -25.73 20.46
C PHE C 40 15.31 -26.69 21.28
N LEU C 41 16.42 -27.15 20.71
CA LEU C 41 17.31 -28.09 21.34
C LEU C 41 18.64 -27.41 21.66
N VAL C 42 18.97 -27.33 22.95
CA VAL C 42 20.18 -26.63 23.36
C VAL C 42 21.26 -27.49 24.02
N ASP C 43 22.49 -27.34 23.52
CA ASP C 43 23.64 -28.07 24.02
C ASP C 43 24.04 -27.48 25.38
N ALA C 44 24.26 -28.34 26.37
CA ALA C 44 24.66 -27.86 27.69
C ALA C 44 26.08 -28.30 28.02
N SER C 45 26.86 -28.62 26.99
CA SER C 45 28.26 -29.03 27.18
C SER C 45 29.08 -27.90 27.79
N LYS C 46 30.24 -28.24 28.31
CA LYS C 46 31.13 -27.26 28.93
C LYS C 46 31.41 -26.01 28.08
N ALA C 47 31.69 -26.22 26.81
CA ALA C 47 32.01 -25.13 25.91
C ALA C 47 30.86 -24.17 25.61
N MET C 48 29.62 -24.58 25.88
CA MET C 48 28.47 -23.69 25.61
C MET C 48 28.46 -22.55 26.63
N PHE C 49 29.13 -22.74 27.76
CA PHE C 49 29.15 -21.72 28.80
C PHE C 49 30.46 -20.95 28.82
N GLU C 50 31.20 -21.02 27.72
CA GLU C 50 32.47 -20.32 27.64
C GLU C 50 32.41 -19.24 26.55
N SER C 51 32.58 -17.99 26.94
CA SER C 51 32.51 -16.89 25.98
C SER C 51 33.68 -16.92 24.99
N GLN C 52 34.76 -17.59 25.38
CA GLN C 52 35.95 -17.70 24.55
C GLN C 52 36.75 -16.40 24.66
N SER C 53 36.63 -15.76 25.82
CA SER C 53 37.31 -14.49 26.14
C SER C 53 36.94 -13.32 25.20
N GLU C 54 35.81 -12.68 25.48
CA GLU C 54 35.33 -11.56 24.66
C GLU C 54 34.35 -10.67 25.43
N ASP C 55 33.81 -9.67 24.74
CA ASP C 55 32.83 -8.75 25.30
C ASP C 55 31.49 -9.25 24.76
N GLU C 56 31.42 -10.56 24.54
CA GLU C 56 30.23 -11.22 23.98
C GLU C 56 29.68 -12.26 24.95
N LEU C 57 28.42 -12.61 24.77
CA LEU C 57 27.75 -13.60 25.62
C LEU C 57 28.24 -15.00 25.28
N THR C 58 27.99 -15.96 26.16
CA THR C 58 28.37 -17.35 25.92
C THR C 58 27.41 -17.92 24.87
N PRO C 59 27.81 -18.97 24.16
CA PRO C 59 26.86 -19.49 23.16
C PRO C 59 25.52 -19.89 23.79
N PHE C 60 25.56 -20.35 25.04
CA PHE C 60 24.35 -20.75 25.78
C PHE C 60 23.42 -19.56 26.05
N ASP C 61 23.99 -18.47 26.58
CA ASP C 61 23.21 -17.27 26.89
C ASP C 61 22.59 -16.73 25.59
N MET C 62 23.38 -16.76 24.53
CA MET C 62 22.96 -16.32 23.21
C MET C 62 21.73 -17.15 22.80
N SER C 63 21.82 -18.47 22.99
CA SER C 63 20.74 -19.41 22.65
C SER C 63 19.47 -19.19 23.45
N ILE C 64 19.60 -19.12 24.78
CA ILE C 64 18.46 -18.87 25.64
C ILE C 64 17.77 -17.57 25.22
N GLN C 65 18.52 -16.48 25.16
CA GLN C 65 17.97 -15.19 24.76
C GLN C 65 17.28 -15.19 23.40
N CYS C 66 17.83 -15.94 22.46
CA CYS C 66 17.26 -16.03 21.13
C CYS C 66 15.94 -16.80 21.15
N ILE C 67 15.85 -17.80 22.01
CA ILE C 67 14.65 -18.61 22.14
C ILE C 67 13.55 -17.79 22.77
N GLN C 68 13.88 -17.00 23.79
CA GLN C 68 12.86 -16.17 24.42
C GLN C 68 12.26 -15.26 23.36
N SER C 69 13.13 -14.66 22.55
CA SER C 69 12.71 -13.76 21.50
C SER C 69 11.63 -14.35 20.63
N VAL C 70 11.86 -15.57 20.13
CA VAL C 70 10.89 -16.22 19.28
C VAL C 70 9.62 -16.47 20.05
N TYR C 71 9.76 -16.82 21.33
CA TYR C 71 8.59 -17.05 22.16
C TYR C 71 7.76 -15.76 22.22
N ILE C 72 8.42 -14.64 22.52
CA ILE C 72 7.71 -13.37 22.63
C ILE C 72 7.13 -12.84 21.32
N SER C 73 7.90 -12.93 20.23
CA SER C 73 7.41 -12.46 18.93
C SER C 73 6.19 -13.29 18.54
N LYS C 74 6.24 -14.58 18.83
CA LYS C 74 5.12 -15.47 18.51
C LYS C 74 3.89 -15.03 19.28
N ILE C 75 4.10 -14.38 20.42
CA ILE C 75 2.97 -13.90 21.20
C ILE C 75 2.49 -12.56 20.60
N ILE C 76 3.43 -11.68 20.29
CA ILE C 76 3.09 -10.39 19.72
C ILE C 76 2.19 -10.52 18.49
N SER C 77 2.45 -11.56 17.68
CA SER C 77 1.67 -11.78 16.46
C SER C 77 0.59 -12.86 16.54
N SER C 78 0.24 -13.30 17.74
CA SER C 78 -0.80 -14.32 17.91
C SER C 78 -0.54 -15.55 17.06
N ASP C 79 0.69 -16.03 17.06
CA ASP C 79 1.06 -17.21 16.28
C ASP C 79 0.56 -18.44 17.03
N ARG C 80 -0.01 -19.39 16.31
CA ARG C 80 -0.55 -20.59 16.93
C ARG C 80 0.41 -21.76 16.93
N ASP C 81 1.66 -21.54 16.55
CA ASP C 81 2.61 -22.63 16.54
C ASP C 81 2.93 -23.13 17.94
N LEU C 82 3.41 -24.36 18.03
CA LEU C 82 3.75 -24.97 19.30
C LEU C 82 5.27 -24.92 19.45
N LEU C 83 5.71 -24.51 20.63
CA LEU C 83 7.14 -24.42 20.92
C LEU C 83 7.53 -25.41 22.02
N ALA C 84 8.77 -25.88 21.97
CA ALA C 84 9.29 -26.82 22.97
C ALA C 84 10.72 -26.46 23.30
N VAL C 85 11.16 -26.79 24.51
CA VAL C 85 12.53 -26.49 24.94
C VAL C 85 13.21 -27.68 25.59
N VAL C 86 14.23 -28.20 24.90
CA VAL C 86 14.97 -29.35 25.38
C VAL C 86 16.45 -29.03 25.52
N PHE C 87 17.09 -29.63 26.52
CA PHE C 87 18.52 -29.45 26.77
C PHE C 87 19.17 -30.83 26.87
N TYR C 88 20.42 -30.92 26.44
CA TYR C 88 21.11 -32.18 26.48
C TYR C 88 22.57 -31.97 26.92
N GLY C 89 23.14 -32.99 27.55
CA GLY C 89 24.48 -32.85 28.06
C GLY C 89 24.35 -32.45 29.52
N THR C 90 23.11 -32.41 30.00
CA THR C 90 22.84 -32.09 31.39
C THR C 90 23.05 -33.35 32.24
N GLU C 91 23.26 -33.13 33.53
CA GLU C 91 23.47 -34.23 34.48
C GLU C 91 22.12 -34.83 34.82
N LYS C 92 21.09 -34.00 34.77
CA LYS C 92 19.74 -34.40 35.09
C LYS C 92 18.98 -34.71 33.82
N ASP C 93 18.11 -35.72 33.85
CA ASP C 93 17.31 -36.07 32.68
C ASP C 93 15.81 -35.98 33.00
N LYS C 94 15.01 -35.65 31.99
CA LYS C 94 13.58 -35.57 32.16
C LYS C 94 12.85 -35.78 30.83
N ASN C 95 12.43 -37.01 30.58
CA ASN C 95 11.71 -37.38 29.36
C ASN C 95 11.00 -38.71 29.58
N SER C 96 9.92 -38.96 28.83
CA SER C 96 9.15 -40.18 29.00
C SER C 96 9.90 -41.51 28.91
N VAL C 97 11.00 -41.59 28.18
CA VAL C 97 11.72 -42.87 28.09
C VAL C 97 12.90 -42.97 29.05
N ASN C 98 13.11 -41.93 29.85
CA ASN C 98 14.20 -41.91 30.81
C ASN C 98 15.60 -42.02 30.20
N PHE C 99 15.77 -41.53 28.98
CA PHE C 99 17.07 -41.54 28.33
C PHE C 99 17.93 -40.59 29.16
N LYS C 100 19.19 -40.91 29.37
CA LYS C 100 20.04 -40.07 30.20
C LYS C 100 20.61 -38.81 29.58
N ASN C 101 20.77 -37.80 30.44
CA ASN C 101 21.34 -36.51 30.10
C ASN C 101 20.55 -35.69 29.07
N ILE C 102 19.22 -35.82 29.10
CA ILE C 102 18.34 -35.09 28.21
C ILE C 102 17.25 -34.49 29.07
N TYR C 103 17.06 -33.19 28.99
CA TYR C 103 16.06 -32.53 29.82
C TYR C 103 14.98 -31.76 29.07
N VAL C 104 13.77 -32.29 29.10
CA VAL C 104 12.68 -31.60 28.43
C VAL C 104 12.11 -30.56 29.38
N LEU C 105 12.59 -29.33 29.24
CA LEU C 105 12.14 -28.22 30.06
C LEU C 105 10.69 -27.90 29.74
N GLN C 106 10.39 -27.75 28.45
CA GLN C 106 9.05 -27.42 28.02
C GLN C 106 8.59 -28.27 26.86
N GLU C 107 7.54 -29.06 27.10
CA GLU C 107 6.96 -29.91 26.06
C GLU C 107 6.30 -29.02 25.00
N LEU C 108 5.96 -29.60 23.86
CA LEU C 108 5.32 -28.82 22.81
C LEU C 108 3.98 -28.24 23.25
N ASP C 109 3.87 -26.92 23.20
CA ASP C 109 2.65 -26.25 23.58
C ASP C 109 2.69 -24.79 23.19
N ASN C 110 1.55 -24.11 23.27
CA ASN C 110 1.47 -22.67 22.93
C ASN C 110 2.25 -21.89 23.96
N PRO C 111 3.02 -20.88 23.53
CA PRO C 111 3.78 -20.10 24.49
C PRO C 111 2.85 -19.30 25.39
N GLY C 112 3.36 -18.90 26.56
CA GLY C 112 2.59 -18.15 27.51
C GLY C 112 3.51 -17.33 28.40
N ALA C 113 2.94 -16.63 29.37
CA ALA C 113 3.73 -15.81 30.27
C ALA C 113 4.70 -16.63 31.12
N LYS C 114 4.20 -17.65 31.80
CA LYS C 114 5.04 -18.50 32.64
C LYS C 114 6.19 -19.17 31.89
N ARG C 115 5.92 -19.69 30.70
CA ARG C 115 6.99 -20.35 29.95
C ARG C 115 8.09 -19.37 29.59
N ILE C 116 7.70 -18.15 29.23
CA ILE C 116 8.66 -17.12 28.89
C ILE C 116 9.45 -16.75 30.14
N LEU C 117 8.74 -16.54 31.25
CA LEU C 117 9.38 -16.19 32.51
C LEU C 117 10.39 -17.26 32.90
N GLU C 118 10.04 -18.51 32.66
CA GLU C 118 10.92 -19.63 32.99
C GLU C 118 12.23 -19.56 32.21
N LEU C 119 12.15 -19.25 30.92
CA LEU C 119 13.36 -19.16 30.10
C LEU C 119 14.27 -18.03 30.58
N ASP C 120 13.65 -16.98 31.11
CA ASP C 120 14.39 -15.82 31.58
C ASP C 120 15.26 -16.15 32.79
N GLN C 121 14.96 -17.26 33.44
CA GLN C 121 15.72 -17.67 34.62
C GLN C 121 17.12 -18.16 34.28
N PHE C 122 17.37 -18.40 32.99
CA PHE C 122 18.66 -18.91 32.54
C PHE C 122 19.43 -17.87 31.75
N LYS C 123 18.90 -16.66 31.75
CA LYS C 123 19.48 -15.53 31.04
C LYS C 123 20.64 -14.93 31.82
N GLY C 124 21.71 -14.55 31.12
CA GLY C 124 22.87 -13.93 31.76
C GLY C 124 23.73 -14.81 32.65
N GLN C 125 24.64 -14.18 33.40
CA GLN C 125 25.53 -14.94 34.27
C GLN C 125 24.82 -15.60 35.46
N GLN C 126 23.80 -14.94 36.00
CA GLN C 126 23.06 -15.51 37.12
C GLN C 126 22.23 -16.67 36.58
N GLY C 127 21.76 -16.54 35.34
CA GLY C 127 20.96 -17.59 34.73
C GLY C 127 21.82 -18.84 34.59
N GLN C 128 23.05 -18.66 34.14
CA GLN C 128 23.96 -19.78 33.96
C GLN C 128 24.03 -20.61 35.23
N LYS C 129 24.09 -19.92 36.37
CA LYS C 129 24.16 -20.55 37.67
C LYS C 129 22.85 -21.27 38.00
N ARG C 130 21.72 -20.66 37.66
CA ARG C 130 20.43 -21.30 37.92
C ARG C 130 20.20 -22.54 37.06
N PHE C 131 20.72 -22.53 35.83
CA PHE C 131 20.55 -23.66 34.94
C PHE C 131 21.41 -24.82 35.43
N GLN C 132 22.68 -24.54 35.68
CA GLN C 132 23.60 -25.57 36.15
C GLN C 132 23.21 -26.17 37.48
N ASP C 133 22.59 -25.39 38.36
CA ASP C 133 22.18 -25.93 39.65
C ASP C 133 20.85 -26.69 39.56
N MET C 134 20.05 -26.37 38.55
CA MET C 134 18.77 -27.04 38.36
C MET C 134 18.92 -28.31 37.50
N MET C 135 19.93 -28.36 36.64
CA MET C 135 20.11 -29.50 35.74
C MET C 135 21.51 -30.04 35.58
N GLY C 136 22.50 -29.24 35.98
CA GLY C 136 23.87 -29.67 35.82
C GLY C 136 24.23 -29.44 34.37
N HIS C 137 25.49 -29.67 34.02
CA HIS C 137 25.92 -29.47 32.64
C HIS C 137 27.22 -30.23 32.41
N GLY C 138 27.66 -30.24 31.16
CA GLY C 138 28.89 -30.91 30.80
C GLY C 138 28.90 -32.41 31.02
N SER C 139 27.73 -33.03 30.96
CA SER C 139 27.65 -34.47 31.13
C SER C 139 27.74 -35.11 29.76
N ASP C 140 27.83 -36.44 29.75
CA ASP C 140 27.91 -37.18 28.51
C ASP C 140 26.53 -37.27 27.91
N TYR C 141 26.44 -37.75 26.67
CA TYR C 141 25.18 -37.87 25.96
C TYR C 141 25.36 -38.60 24.63
N SER C 142 24.26 -38.98 24.00
CA SER C 142 24.35 -39.60 22.68
C SER C 142 23.24 -38.99 21.83
N LEU C 143 23.65 -38.15 20.88
CA LEU C 143 22.73 -37.46 19.97
C LEU C 143 21.54 -38.28 19.50
N SER C 144 21.75 -39.56 19.26
CA SER C 144 20.68 -40.44 18.82
C SER C 144 19.54 -40.42 19.85
N GLU C 145 19.90 -40.64 21.11
CA GLU C 145 18.93 -40.65 22.19
C GLU C 145 18.24 -39.28 22.28
N VAL C 146 19.00 -38.23 22.05
CA VAL C 146 18.48 -36.87 22.10
C VAL C 146 17.45 -36.64 21.00
N LEU C 147 17.74 -37.11 19.79
CA LEU C 147 16.82 -36.93 18.68
C LEU C 147 15.57 -37.80 18.84
N TRP C 148 15.70 -38.95 19.51
CA TRP C 148 14.54 -39.81 19.74
C TRP C 148 13.56 -39.06 20.64
N VAL C 149 14.08 -38.47 21.71
CA VAL C 149 13.25 -37.73 22.65
C VAL C 149 12.53 -36.58 21.97
N CYS C 150 13.21 -35.90 21.06
CA CYS C 150 12.62 -34.77 20.35
C CYS C 150 11.50 -35.23 19.43
N ALA C 151 11.77 -36.28 18.65
CA ALA C 151 10.75 -36.80 17.73
C ALA C 151 9.51 -37.19 18.51
N ASN C 152 9.73 -37.76 19.69
CA ASN C 152 8.61 -38.19 20.52
C ASN C 152 7.74 -37.02 20.99
N LEU C 153 8.32 -35.84 21.18
CA LEU C 153 7.53 -34.68 21.58
C LEU C 153 6.53 -34.32 20.48
N PHE C 154 6.90 -34.56 19.22
CA PHE C 154 6.01 -34.29 18.09
C PHE C 154 4.83 -35.26 18.12
N SER C 155 5.08 -36.50 18.51
CA SER C 155 4.04 -37.51 18.57
C SER C 155 3.04 -37.30 19.68
N ASP C 156 3.47 -36.70 20.78
CA ASP C 156 2.59 -36.47 21.92
C ASP C 156 1.61 -35.32 21.70
N VAL C 157 1.77 -34.59 20.59
CA VAL C 157 0.88 -33.47 20.32
C VAL C 157 -0.54 -33.96 20.05
N GLN C 158 -1.47 -33.51 20.88
CA GLN C 158 -2.87 -33.88 20.73
C GLN C 158 -3.44 -33.18 19.51
N PHE C 159 -2.86 -32.03 19.16
CA PHE C 159 -3.31 -31.26 18.01
C PHE C 159 -2.76 -31.90 16.73
N LYS C 160 -3.31 -31.47 15.59
CA LYS C 160 -2.85 -31.95 14.31
C LYS C 160 -1.71 -31.00 13.96
N MET C 161 -0.67 -31.52 13.32
CA MET C 161 0.46 -30.66 12.97
C MET C 161 0.79 -30.69 11.49
N SER C 162 1.55 -29.69 11.08
CA SER C 162 1.99 -29.56 9.71
C SER C 162 3.49 -29.83 9.76
N HIS C 163 4.27 -28.76 9.80
CA HIS C 163 5.72 -28.85 9.86
C HIS C 163 6.24 -29.28 11.23
N LYS C 164 7.22 -30.18 11.22
CA LYS C 164 7.84 -30.67 12.44
C LYS C 164 9.31 -30.30 12.30
N ARG C 165 9.76 -29.33 13.08
CA ARG C 165 11.12 -28.86 12.97
C ARG C 165 11.90 -28.81 14.28
N ILE C 166 13.17 -29.23 14.23
CA ILE C 166 14.05 -29.21 15.39
C ILE C 166 15.19 -28.24 15.08
N MET C 167 15.43 -27.29 15.99
CA MET C 167 16.48 -26.30 15.83
C MET C 167 17.54 -26.60 16.89
N LEU C 168 18.74 -27.01 16.44
CA LEU C 168 19.83 -27.36 17.34
C LEU C 168 20.86 -26.24 17.56
N PHE C 169 21.09 -25.88 18.83
CA PHE C 169 22.07 -24.83 19.14
C PHE C 169 23.30 -25.48 19.81
N THR C 170 24.45 -25.39 19.15
CA THR C 170 25.66 -25.99 19.67
C THR C 170 26.88 -25.39 19.02
N ASN C 171 27.99 -25.39 19.76
CA ASN C 171 29.24 -24.87 19.25
C ASN C 171 30.23 -26.03 19.18
N GLU C 172 29.68 -27.24 19.12
CA GLU C 172 30.46 -28.47 19.02
C GLU C 172 30.22 -29.04 17.63
N ASP C 173 31.26 -29.11 16.81
CA ASP C 173 31.11 -29.61 15.44
C ASP C 173 31.45 -31.08 15.23
N ASN C 174 31.81 -31.78 16.30
CA ASN C 174 32.16 -33.20 16.21
C ASN C 174 31.87 -33.91 17.55
N PRO C 175 30.58 -34.00 17.92
CA PRO C 175 30.08 -34.61 19.15
C PRO C 175 30.65 -35.98 19.48
N HIS C 176 30.69 -36.86 18.50
CA HIS C 176 31.16 -38.19 18.74
C HIS C 176 32.34 -38.65 17.90
N GLY C 177 33.26 -37.72 17.65
CA GLY C 177 34.43 -38.05 16.86
C GLY C 177 35.31 -39.05 17.58
N ASN C 178 34.96 -39.35 18.82
CA ASN C 178 35.71 -40.28 19.65
C ASN C 178 34.92 -41.53 20.01
N ASP C 179 33.71 -41.66 19.47
CA ASP C 179 32.87 -42.82 19.79
C ASP C 179 32.02 -43.21 18.56
N SER C 180 32.56 -44.07 17.69
CA SER C 180 31.85 -44.49 16.49
C SER C 180 30.45 -45.08 16.79
N ALA C 181 30.33 -45.81 17.88
CA ALA C 181 29.04 -46.40 18.26
C ALA C 181 27.97 -45.33 18.41
N LYS C 182 28.38 -44.13 18.84
CA LYS C 182 27.42 -43.05 19.01
C LYS C 182 27.28 -42.26 17.71
N ALA C 183 28.40 -41.97 17.07
CA ALA C 183 28.36 -41.23 15.80
C ALA C 183 27.44 -41.94 14.82
N SER C 184 27.59 -43.26 14.72
CA SER C 184 26.80 -44.06 13.81
C SER C 184 25.31 -44.06 14.16
N ARG C 185 24.98 -44.20 15.44
CA ARG C 185 23.58 -44.19 15.83
C ARG C 185 22.96 -42.82 15.54
N ALA C 186 23.73 -41.76 15.74
CA ALA C 186 23.20 -40.42 15.48
C ALA C 186 22.90 -40.20 13.99
N ARG C 187 23.75 -40.71 13.10
CA ARG C 187 23.51 -40.55 11.66
C ARG C 187 22.25 -41.27 11.23
N THR C 188 22.12 -42.51 11.71
CA THR C 188 20.96 -43.33 11.38
C THR C 188 19.69 -42.59 11.85
N LYS C 189 19.66 -42.20 13.12
CA LYS C 189 18.51 -41.50 13.64
C LYS C 189 18.27 -40.22 12.86
N ALA C 190 19.35 -39.52 12.48
CA ALA C 190 19.20 -38.28 11.72
C ALA C 190 18.52 -38.59 10.40
N GLY C 191 18.96 -39.67 9.77
CA GLY C 191 18.38 -40.08 8.51
C GLY C 191 16.93 -40.50 8.65
N ASP C 192 16.59 -41.13 9.77
CA ASP C 192 15.22 -41.56 10.00
C ASP C 192 14.30 -40.35 10.15
N LEU C 193 14.84 -39.27 10.71
CA LEU C 193 14.07 -38.03 10.88
C LEU C 193 13.69 -37.50 9.50
N ARG C 194 14.68 -37.40 8.61
CA ARG C 194 14.46 -36.91 7.25
C ARG C 194 13.41 -37.75 6.52
N ASP C 195 13.48 -39.07 6.68
CA ASP C 195 12.52 -39.96 6.02
C ASP C 195 11.15 -39.83 6.65
N THR C 196 11.15 -39.53 7.95
CA THR C 196 9.92 -39.39 8.73
C THR C 196 9.22 -38.03 8.60
N GLY C 197 9.83 -37.08 7.89
CA GLY C 197 9.21 -35.78 7.73
C GLY C 197 9.61 -34.72 8.74
N ILE C 198 10.57 -35.02 9.61
CA ILE C 198 11.03 -34.05 10.61
C ILE C 198 12.27 -33.34 10.07
N PHE C 199 12.30 -32.02 10.18
CA PHE C 199 13.45 -31.23 9.69
C PHE C 199 14.33 -30.83 10.85
N LEU C 200 15.64 -30.97 10.68
CA LEU C 200 16.59 -30.58 11.71
C LEU C 200 17.47 -29.46 11.20
N ASP C 201 17.33 -28.27 11.77
CA ASP C 201 18.16 -27.14 11.35
C ASP C 201 19.24 -26.91 12.39
N LEU C 202 20.45 -26.66 11.91
CA LEU C 202 21.59 -26.44 12.78
C LEU C 202 21.93 -24.98 12.95
N MET C 203 21.92 -24.53 14.19
CA MET C 203 22.26 -23.16 14.53
C MET C 203 23.62 -23.28 15.20
N HIS C 204 24.64 -23.49 14.40
CA HIS C 204 26.00 -23.65 14.93
C HIS C 204 26.56 -22.33 15.43
N LEU C 205 27.13 -22.40 16.62
CA LEU C 205 27.70 -21.24 17.29
C LEU C 205 29.22 -21.27 17.22
N LYS C 206 29.87 -20.13 17.42
CA LYS C 206 31.32 -20.05 17.32
C LYS C 206 32.14 -20.98 18.19
N LYS C 207 33.26 -21.40 17.63
CA LYS C 207 34.18 -22.33 18.27
C LYS C 207 35.60 -21.99 17.78
N PRO C 208 36.62 -22.09 18.64
CA PRO C 208 37.98 -21.78 18.20
C PRO C 208 38.41 -22.54 16.94
N GLY C 209 38.88 -21.79 15.95
CA GLY C 209 39.29 -22.41 14.70
C GLY C 209 38.13 -22.45 13.73
N GLY C 210 36.94 -22.17 14.26
CA GLY C 210 35.74 -22.19 13.44
C GLY C 210 34.93 -23.46 13.62
N PHE C 211 33.68 -23.43 13.18
CA PHE C 211 32.79 -24.57 13.28
C PHE C 211 32.80 -25.22 11.90
N ASP C 212 33.25 -26.47 11.83
CA ASP C 212 33.35 -27.20 10.57
C ASP C 212 32.16 -28.16 10.42
N ILE C 213 31.24 -27.82 9.51
CA ILE C 213 30.06 -28.63 9.28
C ILE C 213 30.35 -29.89 8.49
N SER C 214 31.42 -29.86 7.69
CA SER C 214 31.77 -31.04 6.89
C SER C 214 32.18 -32.24 7.75
N LEU C 215 32.66 -31.98 8.97
CA LEU C 215 33.10 -33.05 9.87
C LEU C 215 32.00 -34.01 10.29
N PHE C 216 30.81 -33.50 10.62
CA PHE C 216 29.74 -34.35 11.10
C PHE C 216 28.31 -33.97 10.70
N TYR C 217 27.93 -32.72 10.94
CA TYR C 217 26.57 -32.27 10.67
C TYR C 217 26.11 -32.24 9.22
N ARG C 218 27.06 -32.34 8.29
CA ARG C 218 26.73 -32.36 6.88
C ARG C 218 25.75 -33.51 6.61
N ASP C 219 25.89 -34.61 7.37
CA ASP C 219 25.03 -35.79 7.23
C ASP C 219 23.87 -35.82 8.22
N ILE C 220 23.50 -34.66 8.76
CA ILE C 220 22.42 -34.66 9.74
C ILE C 220 21.34 -33.64 9.44
N ILE C 221 21.77 -32.41 9.21
CA ILE C 221 20.83 -31.35 8.93
C ILE C 221 19.96 -31.72 7.75
N SER C 222 18.76 -31.14 7.74
CA SER C 222 17.81 -31.33 6.66
C SER C 222 17.75 -29.98 5.96
N VAL C 231 24.13 -22.21 -0.32
CA VAL C 231 25.08 -22.16 0.83
C VAL C 231 24.40 -22.03 2.19
N HIS C 232 25.00 -22.71 3.17
CA HIS C 232 24.51 -22.74 4.55
C HIS C 232 24.91 -21.45 5.29
N PHE C 233 24.15 -21.12 6.34
CA PHE C 233 24.45 -19.94 7.16
C PHE C 233 25.85 -20.13 7.77
N GLU C 234 26.52 -19.01 8.01
CA GLU C 234 27.84 -19.07 8.63
C GLU C 234 27.60 -19.28 10.12
N GLU C 235 28.66 -19.55 10.87
CA GLU C 235 28.53 -19.75 12.31
C GLU C 235 28.10 -18.42 12.95
N SER C 236 27.38 -18.46 14.06
CA SER C 236 26.97 -17.22 14.72
C SER C 236 27.94 -16.91 15.86
N SER C 237 28.29 -15.63 16.01
CA SER C 237 29.20 -15.21 17.07
C SER C 237 28.62 -14.05 17.86
N LYS C 238 27.51 -13.49 17.37
CA LYS C 238 26.83 -12.38 18.02
C LYS C 238 25.34 -12.74 18.07
N LEU C 239 24.68 -12.36 19.16
CA LEU C 239 23.26 -12.63 19.30
C LEU C 239 22.50 -12.19 18.06
N GLU C 240 22.80 -10.97 17.59
CA GLU C 240 22.16 -10.39 16.41
C GLU C 240 22.07 -11.39 15.27
N ASP C 241 23.21 -11.98 14.89
CA ASP C 241 23.24 -12.95 13.81
C ASP C 241 22.43 -14.21 14.12
N LEU C 242 22.62 -14.78 15.31
CA LEU C 242 21.87 -15.97 15.69
C LEU C 242 20.36 -15.68 15.61
N LEU C 243 19.98 -14.47 16.01
CA LEU C 243 18.58 -14.06 15.99
C LEU C 243 17.99 -14.05 14.59
N ARG C 244 18.65 -13.37 13.65
CA ARG C 244 18.17 -13.30 12.27
C ARG C 244 18.09 -14.69 11.62
N LYS C 245 19.14 -15.50 11.83
CA LYS C 245 19.16 -16.84 11.27
C LYS C 245 17.99 -17.64 11.82
N VAL C 246 17.68 -17.44 13.11
CA VAL C 246 16.57 -18.14 13.73
C VAL C 246 15.25 -17.54 13.27
N ARG C 247 15.21 -16.21 13.18
CA ARG C 247 14.01 -15.52 12.71
C ARG C 247 13.67 -15.96 11.29
N ALA C 248 14.70 -16.18 10.49
CA ALA C 248 14.51 -16.60 9.10
C ALA C 248 13.84 -17.96 9.03
N LYS C 249 13.66 -18.60 10.18
CA LYS C 249 13.06 -19.92 10.21
C LYS C 249 12.04 -20.16 11.35
N GLU C 250 11.78 -19.13 12.15
CA GLU C 250 10.82 -19.26 13.26
C GLU C 250 9.40 -19.39 12.72
N THR C 251 9.20 -18.94 11.48
CA THR C 251 7.89 -18.99 10.83
C THR C 251 8.01 -19.38 9.37
N ARG C 252 7.18 -20.31 8.92
CA ARG C 252 7.21 -20.77 7.53
C ARG C 252 6.42 -19.84 6.61
N LYS C 253 6.77 -19.84 5.33
CA LYS C 253 6.08 -19.01 4.34
C LYS C 253 4.58 -19.20 4.47
N ARG C 254 3.84 -18.13 4.26
CA ARG C 254 2.39 -18.20 4.30
C ARG C 254 1.83 -17.19 3.32
N ALA C 255 1.50 -17.67 2.12
CA ALA C 255 0.97 -16.82 1.07
C ALA C 255 -0.30 -16.11 1.49
N LEU C 256 -0.45 -14.90 0.98
CA LEU C 256 -1.60 -14.06 1.24
C LEU C 256 -2.68 -14.41 0.20
N SER C 257 -2.25 -15.10 -0.85
CA SER C 257 -3.15 -15.57 -1.91
C SER C 257 -2.34 -16.19 -3.05
N ARG C 258 -2.90 -17.23 -3.64
CA ARG C 258 -2.25 -17.90 -4.77
C ARG C 258 -3.07 -17.46 -5.97
N LEU C 259 -2.46 -16.74 -6.90
CA LEU C 259 -3.19 -16.27 -8.06
C LEU C 259 -2.58 -16.66 -9.38
N LYS C 260 -3.34 -16.44 -10.43
CA LYS C 260 -2.90 -16.72 -11.79
C LYS C 260 -2.32 -15.44 -12.34
N LEU C 261 -1.18 -15.53 -13.00
CA LEU C 261 -0.56 -14.38 -13.61
C LEU C 261 -0.69 -14.70 -15.08
N LYS C 262 -1.64 -14.02 -15.72
CA LYS C 262 -1.95 -14.20 -17.14
C LYS C 262 -1.16 -13.28 -18.07
N LEU C 263 -0.34 -13.86 -18.94
CA LEU C 263 0.40 -13.05 -19.92
C LEU C 263 -0.66 -12.72 -20.96
N ASN C 264 -1.60 -13.64 -21.10
CA ASN C 264 -2.74 -13.51 -21.99
C ASN C 264 -3.71 -14.60 -21.53
N LYS C 265 -4.80 -14.80 -22.25
CA LYS C 265 -5.78 -15.80 -21.84
C LYS C 265 -5.29 -17.24 -21.84
N ASP C 266 -4.35 -17.56 -22.73
CA ASP C 266 -3.83 -18.91 -22.86
C ASP C 266 -2.61 -19.22 -22.01
N ILE C 267 -1.75 -18.22 -21.83
CA ILE C 267 -0.51 -18.38 -21.08
C ILE C 267 -0.67 -17.91 -19.64
N VAL C 268 -0.90 -18.87 -18.74
CA VAL C 268 -1.12 -18.59 -17.34
C VAL C 268 -0.17 -19.34 -16.40
N ILE C 269 0.48 -18.61 -15.49
CA ILE C 269 1.37 -19.22 -14.50
C ILE C 269 0.77 -18.95 -13.13
N SER C 270 1.18 -19.71 -12.12
CA SER C 270 0.65 -19.49 -10.78
C SER C 270 1.69 -18.83 -9.92
N VAL C 271 1.27 -17.90 -9.09
CA VAL C 271 2.16 -17.19 -8.20
C VAL C 271 1.63 -17.05 -6.79
N GLY C 272 2.56 -16.93 -5.86
CA GLY C 272 2.19 -16.74 -4.47
C GLY C 272 2.40 -15.26 -4.20
N ILE C 273 1.49 -14.65 -3.45
CA ILE C 273 1.59 -13.24 -3.11
C ILE C 273 1.87 -13.25 -1.62
N TYR C 274 2.91 -12.56 -1.18
CA TYR C 274 3.24 -12.51 0.24
C TYR C 274 3.44 -11.10 0.74
N ASN C 275 3.17 -10.91 2.02
CA ASN C 275 3.39 -9.62 2.63
C ASN C 275 4.61 -9.76 3.51
N LEU C 276 5.76 -9.34 3.00
CA LEU C 276 7.00 -9.40 3.76
C LEU C 276 6.97 -8.32 4.84
N VAL C 277 6.03 -7.39 4.68
CA VAL C 277 5.83 -6.33 5.66
C VAL C 277 4.32 -6.34 5.94
N GLN C 278 3.95 -6.20 7.21
CA GLN C 278 2.54 -6.19 7.62
C GLN C 278 2.49 -5.46 8.94
N LYS C 279 1.67 -4.42 9.00
CA LYS C 279 1.55 -3.61 10.20
C LYS C 279 1.06 -4.36 11.44
N ALA C 280 1.98 -4.70 12.34
CA ALA C 280 1.61 -5.40 13.56
C ALA C 280 0.69 -4.50 14.39
N LEU C 281 -0.54 -4.94 14.58
CA LEU C 281 -1.52 -4.17 15.33
C LEU C 281 -1.73 -4.68 16.76
N LYS C 282 -2.29 -3.81 17.60
CA LYS C 282 -2.59 -4.14 18.98
C LYS C 282 -3.75 -5.12 18.91
N PRO C 283 -3.55 -6.37 19.36
CA PRO C 283 -4.63 -7.34 19.31
C PRO C 283 -5.94 -6.80 19.86
N PRO C 284 -7.05 -7.08 19.17
CA PRO C 284 -8.34 -6.57 19.65
C PRO C 284 -8.75 -7.23 20.96
N PRO C 285 -9.58 -6.56 21.74
CA PRO C 285 -10.05 -7.09 23.03
C PRO C 285 -10.94 -8.32 22.81
N ILE C 286 -11.23 -9.01 23.90
CA ILE C 286 -12.10 -10.19 23.83
C ILE C 286 -13.00 -10.17 25.04
N LYS C 287 -14.28 -10.49 24.82
CA LYS C 287 -15.23 -10.49 25.91
C LYS C 287 -15.17 -11.74 26.77
N LEU C 288 -15.13 -11.53 28.08
CA LEU C 288 -15.07 -12.64 29.03
C LEU C 288 -16.27 -12.63 29.98
N TYR C 289 -16.48 -13.75 30.64
CA TYR C 289 -17.57 -13.90 31.60
C TYR C 289 -16.99 -13.63 33.00
N ARG C 290 -17.31 -12.47 33.54
CA ARG C 290 -16.82 -12.05 34.85
C ARG C 290 -16.56 -13.14 35.88
N GLU C 291 -17.56 -13.98 36.13
CA GLU C 291 -17.43 -15.02 37.14
C GLU C 291 -16.50 -16.21 36.86
N THR C 292 -15.94 -16.28 35.66
CA THR C 292 -15.02 -17.37 35.33
C THR C 292 -13.93 -16.95 34.34
N ASN C 293 -13.96 -15.69 33.92
CA ASN C 293 -12.99 -15.17 32.97
C ASN C 293 -12.92 -16.01 31.71
N GLU C 294 -14.02 -16.70 31.41
CA GLU C 294 -14.09 -17.54 30.23
C GLU C 294 -14.53 -16.73 29.01
N PRO C 295 -13.90 -16.95 27.85
CA PRO C 295 -14.25 -16.23 26.64
C PRO C 295 -15.70 -16.46 26.27
N VAL C 296 -16.34 -15.44 25.70
CA VAL C 296 -17.74 -15.56 25.34
C VAL C 296 -17.99 -15.42 23.83
N LYS C 297 -18.95 -16.21 23.34
CA LYS C 297 -19.35 -16.20 21.94
C LYS C 297 -20.32 -15.05 21.73
N THR C 298 -20.39 -14.52 20.51
CA THR C 298 -21.28 -13.40 20.25
C THR C 298 -22.07 -13.56 18.95
N LYS C 299 -23.40 -13.57 19.09
CA LYS C 299 -24.30 -13.70 17.95
C LYS C 299 -25.00 -12.39 17.67
N THR C 300 -24.85 -11.88 16.45
CA THR C 300 -25.49 -10.63 16.05
C THR C 300 -26.61 -10.92 15.06
N ARG C 301 -27.84 -10.72 15.51
CA ARG C 301 -29.01 -10.96 14.67
C ARG C 301 -29.69 -9.65 14.30
N THR C 302 -30.57 -9.71 13.32
CA THR C 302 -31.29 -8.53 12.87
C THR C 302 -32.77 -8.88 12.82
N PHE C 303 -33.60 -8.03 13.43
CA PHE C 303 -35.02 -8.31 13.45
C PHE C 303 -35.92 -7.10 13.17
N ASN C 304 -37.08 -7.40 12.59
CA ASN C 304 -38.06 -6.38 12.28
C ASN C 304 -38.43 -5.74 13.60
N THR C 305 -38.47 -4.41 13.64
CA THR C 305 -38.79 -3.70 14.87
C THR C 305 -40.23 -3.94 15.36
N SER C 306 -41.18 -3.91 14.43
CA SER C 306 -42.58 -4.11 14.78
C SER C 306 -42.91 -5.52 15.29
N THR C 307 -42.74 -6.53 14.44
CA THR C 307 -43.03 -7.92 14.81
C THR C 307 -41.97 -8.59 15.68
N GLY C 308 -40.71 -8.18 15.52
CA GLY C 308 -39.65 -8.78 16.30
C GLY C 308 -39.11 -10.01 15.60
N GLY C 309 -39.62 -10.28 14.41
CA GLY C 309 -39.18 -11.44 13.66
C GLY C 309 -37.76 -11.34 13.13
N LEU C 310 -37.09 -12.48 13.04
CA LEU C 310 -35.72 -12.54 12.54
C LEU C 310 -35.74 -12.13 11.07
N LEU C 311 -34.75 -11.34 10.66
CA LEU C 311 -34.69 -10.86 9.28
C LEU C 311 -33.70 -11.59 8.40
N LEU C 312 -34.21 -12.35 7.43
CA LEU C 312 -33.34 -13.07 6.52
C LEU C 312 -32.60 -12.05 5.65
N PRO C 313 -31.45 -12.44 5.07
CA PRO C 313 -30.72 -11.48 4.25
C PRO C 313 -31.58 -11.04 3.05
N SER C 314 -32.53 -11.89 2.67
CA SER C 314 -33.43 -11.60 1.56
C SER C 314 -34.69 -10.84 2.00
N ASP C 315 -34.66 -10.32 3.22
CA ASP C 315 -35.80 -9.57 3.75
C ASP C 315 -35.41 -8.11 3.95
N THR C 316 -34.22 -7.77 3.48
CA THR C 316 -33.71 -6.41 3.62
C THR C 316 -33.03 -6.00 2.33
N LYS C 317 -33.06 -4.70 2.03
CA LYS C 317 -32.43 -4.18 0.82
C LYS C 317 -31.47 -3.04 1.18
N ARG C 318 -30.70 -2.59 0.19
CA ARG C 318 -29.74 -1.52 0.41
C ARG C 318 -30.21 -0.18 -0.12
N SER C 319 -30.02 0.86 0.68
CA SER C 319 -30.45 2.21 0.31
C SER C 319 -29.38 3.29 0.43
N GLN C 320 -29.50 4.29 -0.44
CA GLN C 320 -28.60 5.45 -0.45
C GLN C 320 -29.47 6.65 -0.84
N ILE C 321 -29.41 7.70 -0.04
CA ILE C 321 -30.22 8.90 -0.26
C ILE C 321 -29.47 10.15 -0.73
N TYR C 322 -29.82 10.63 -1.93
CA TYR C 322 -29.19 11.81 -2.50
C TYR C 322 -30.21 12.92 -2.66
N GLY C 323 -29.95 14.06 -2.04
CA GLY C 323 -30.88 15.16 -2.12
C GLY C 323 -32.13 14.77 -1.39
N SER C 324 -33.17 14.44 -2.15
CA SER C 324 -34.43 14.02 -1.56
C SER C 324 -34.94 12.81 -2.33
N ARG C 325 -34.00 12.02 -2.81
CA ARG C 325 -34.34 10.84 -3.58
C ARG C 325 -33.65 9.57 -3.09
N GLN C 326 -34.40 8.49 -3.02
CA GLN C 326 -33.85 7.23 -2.54
C GLN C 326 -33.56 6.30 -3.71
N ILE C 327 -32.39 5.67 -3.67
CA ILE C 327 -31.98 4.72 -4.69
C ILE C 327 -31.82 3.39 -3.97
N ILE C 328 -32.61 2.41 -4.37
CA ILE C 328 -32.59 1.09 -3.75
C ILE C 328 -31.93 0.03 -4.61
N LEU C 329 -31.04 -0.75 -3.99
CA LEU C 329 -30.37 -1.82 -4.69
C LEU C 329 -30.42 -3.05 -3.80
N GLU C 330 -30.28 -4.21 -4.42
CA GLU C 330 -30.25 -5.47 -3.69
C GLU C 330 -28.82 -5.59 -3.19
N LYS C 331 -28.61 -6.41 -2.16
CA LYS C 331 -27.26 -6.61 -1.63
C LYS C 331 -26.40 -7.12 -2.79
N GLU C 332 -26.93 -8.13 -3.47
CA GLU C 332 -26.27 -8.76 -4.60
C GLU C 332 -25.79 -7.75 -5.63
N GLU C 333 -26.56 -6.68 -5.82
CA GLU C 333 -26.19 -5.65 -6.79
C GLU C 333 -25.12 -4.70 -6.33
N THR C 334 -25.05 -4.47 -5.03
CA THR C 334 -24.02 -3.58 -4.50
C THR C 334 -22.66 -4.24 -4.65
N GLU C 335 -22.65 -5.57 -4.74
CA GLU C 335 -21.40 -6.29 -4.90
C GLU C 335 -21.09 -6.35 -6.38
N GLU C 336 -22.12 -6.58 -7.19
CA GLU C 336 -21.97 -6.67 -8.63
C GLU C 336 -21.35 -5.42 -9.28
N LEU C 337 -21.75 -4.25 -8.81
CA LEU C 337 -21.22 -3.01 -9.37
C LEU C 337 -19.75 -2.83 -9.05
N LYS C 338 -19.22 -3.73 -8.22
CA LYS C 338 -17.81 -3.72 -7.82
C LYS C 338 -17.00 -4.68 -8.70
N ARG C 339 -17.71 -5.52 -9.46
CA ARG C 339 -17.08 -6.53 -10.32
C ARG C 339 -16.52 -6.05 -11.65
N PHE C 340 -15.25 -6.39 -11.87
CA PHE C 340 -14.53 -6.06 -13.10
C PHE C 340 -13.81 -7.31 -13.60
N ASP C 341 -12.58 -7.56 -13.15
CA ASP C 341 -11.82 -8.74 -13.57
C ASP C 341 -12.01 -9.92 -12.62
N ASP C 342 -11.67 -11.12 -13.08
CA ASP C 342 -11.72 -12.30 -12.22
C ASP C 342 -10.43 -12.12 -11.42
N PRO C 343 -10.34 -12.74 -10.23
CA PRO C 343 -9.12 -12.59 -9.42
C PRO C 343 -7.87 -13.00 -10.21
N GLY C 344 -6.81 -12.22 -10.05
CA GLY C 344 -5.56 -12.52 -10.75
C GLY C 344 -4.75 -11.30 -11.12
N LEU C 345 -3.71 -11.53 -11.93
CA LEU C 345 -2.83 -10.49 -12.41
C LEU C 345 -2.84 -10.60 -13.92
N MET C 346 -3.30 -9.55 -14.58
CA MET C 346 -3.34 -9.53 -16.05
C MET C 346 -2.23 -8.61 -16.53
N LEU C 347 -1.29 -9.17 -17.28
CA LEU C 347 -0.16 -8.41 -17.81
C LEU C 347 -0.61 -7.32 -18.80
N MET C 348 -0.17 -6.09 -18.56
CA MET C 348 -0.51 -4.99 -19.45
C MET C 348 0.68 -4.72 -20.37
N GLY C 349 1.88 -4.96 -19.86
CA GLY C 349 3.07 -4.72 -20.63
C GLY C 349 4.24 -4.42 -19.71
N PHE C 350 5.32 -3.91 -20.30
CA PHE C 350 6.52 -3.60 -19.54
C PHE C 350 6.87 -2.12 -19.63
N LYS C 351 7.13 -1.55 -18.46
CA LYS C 351 7.45 -0.14 -18.33
C LYS C 351 8.79 0.07 -17.63
N PRO C 352 9.68 0.88 -18.25
CA PRO C 352 11.00 1.16 -17.67
C PRO C 352 10.89 1.70 -16.23
N LEU C 353 11.69 1.13 -15.35
CA LEU C 353 11.70 1.50 -13.94
C LEU C 353 11.85 2.99 -13.63
N VAL C 354 12.59 3.73 -14.44
CA VAL C 354 12.74 5.17 -14.19
C VAL C 354 11.43 5.93 -14.24
N LEU C 355 10.41 5.35 -14.87
CA LEU C 355 9.11 5.99 -14.99
C LEU C 355 8.25 5.77 -13.77
N LEU C 356 8.76 5.02 -12.80
CA LEU C 356 8.00 4.76 -11.59
C LEU C 356 8.57 5.62 -10.49
N LYS C 357 7.77 6.57 -10.00
CA LYS C 357 8.26 7.46 -8.97
C LYS C 357 8.21 6.95 -7.53
N LYS C 358 9.27 7.29 -6.81
CA LYS C 358 9.46 6.94 -5.41
C LYS C 358 8.34 7.56 -4.55
N HIS C 359 7.92 8.77 -4.92
CA HIS C 359 6.90 9.47 -4.16
C HIS C 359 5.46 9.16 -4.55
N HIS C 360 5.23 8.06 -5.26
CA HIS C 360 3.85 7.69 -5.61
C HIS C 360 3.35 6.54 -4.77
N TYR C 361 4.10 6.22 -3.72
CA TYR C 361 3.70 5.16 -2.79
C TYR C 361 2.23 5.32 -2.41
N LEU C 362 1.49 4.21 -2.30
CA LEU C 362 0.07 4.26 -1.95
C LEU C 362 -0.28 3.43 -0.74
N ARG C 363 0.33 2.25 -0.68
CA ARG C 363 0.15 1.29 0.41
C ARG C 363 1.29 0.27 0.26
N PRO C 364 1.63 -0.45 1.34
CA PRO C 364 2.72 -1.44 1.31
C PRO C 364 2.77 -2.43 0.14
N SER C 365 3.97 -2.62 -0.40
CA SER C 365 4.18 -3.51 -1.52
C SER C 365 4.10 -4.96 -1.05
N LEU C 366 3.80 -5.84 -2.00
CA LEU C 366 3.72 -7.27 -1.73
C LEU C 366 4.87 -7.96 -2.44
N PHE C 367 5.02 -9.25 -2.25
CA PHE C 367 6.12 -9.97 -2.91
C PHE C 367 5.55 -11.14 -3.71
N VAL C 368 5.99 -11.28 -4.95
CA VAL C 368 5.51 -12.33 -5.84
C VAL C 368 6.57 -13.40 -6.09
N TYR C 369 6.17 -14.66 -5.89
CA TYR C 369 7.06 -15.79 -6.08
C TYR C 369 6.24 -16.85 -6.76
N PRO C 370 6.86 -17.64 -7.65
CA PRO C 370 6.19 -18.71 -8.40
C PRO C 370 5.66 -19.85 -7.55
N GLU C 371 4.45 -20.29 -7.85
CA GLU C 371 3.85 -21.40 -7.11
C GLU C 371 3.81 -22.61 -8.04
N GLU C 372 4.86 -23.41 -7.98
CA GLU C 372 5.01 -24.60 -8.81
C GLU C 372 3.98 -25.68 -8.50
N SER C 373 3.35 -25.63 -7.32
CA SER C 373 2.39 -26.65 -6.96
C SER C 373 1.04 -26.58 -7.70
N LEU C 374 0.70 -25.40 -8.23
CA LEU C 374 -0.56 -25.27 -8.97
C LEU C 374 -0.35 -25.47 -10.46
N VAL C 375 0.52 -24.67 -11.05
CA VAL C 375 0.81 -24.79 -12.48
C VAL C 375 2.26 -25.19 -12.70
N ILE C 376 2.47 -26.44 -13.06
CA ILE C 376 3.81 -26.93 -13.32
C ILE C 376 4.35 -26.13 -14.49
N GLY C 377 5.60 -25.66 -14.36
CA GLY C 377 6.22 -24.87 -15.41
C GLY C 377 6.27 -23.38 -15.09
N SER C 378 5.51 -22.98 -14.08
CA SER C 378 5.46 -21.58 -13.66
C SER C 378 6.81 -20.96 -13.28
N SER C 379 7.64 -21.70 -12.57
CA SER C 379 8.95 -21.19 -12.10
C SER C 379 9.91 -20.82 -13.22
N THR C 380 9.99 -21.68 -14.24
CA THR C 380 10.87 -21.45 -15.38
C THR C 380 10.49 -20.17 -16.09
N LEU C 381 9.21 -20.02 -16.42
CA LEU C 381 8.75 -18.82 -17.12
C LEU C 381 9.03 -17.63 -16.21
N PHE C 382 8.64 -17.77 -14.95
CA PHE C 382 8.85 -16.72 -13.96
C PHE C 382 10.33 -16.30 -13.92
N SER C 383 11.23 -17.28 -13.77
CA SER C 383 12.67 -16.99 -13.73
C SER C 383 13.18 -16.21 -14.93
N ALA C 384 12.66 -16.57 -16.10
CA ALA C 384 13.03 -15.93 -17.35
C ALA C 384 12.57 -14.48 -17.35
N LEU C 385 11.32 -14.28 -16.96
CA LEU C 385 10.74 -12.96 -16.88
C LEU C 385 11.59 -12.12 -15.96
N LEU C 386 11.98 -12.72 -14.83
CA LEU C 386 12.81 -12.04 -13.83
C LEU C 386 14.19 -11.68 -14.36
N ILE C 387 14.84 -12.64 -15.01
CA ILE C 387 16.17 -12.41 -15.56
C ILE C 387 16.16 -11.29 -16.58
N LYS C 388 15.18 -11.30 -17.47
CA LYS C 388 15.10 -10.29 -18.50
C LYS C 388 14.58 -8.94 -18.04
N CYS C 389 13.66 -8.92 -17.09
CA CYS C 389 13.18 -7.65 -16.59
C CYS C 389 14.36 -6.95 -15.93
N LEU C 390 15.24 -7.74 -15.31
CA LEU C 390 16.41 -7.16 -14.64
C LEU C 390 17.39 -6.54 -15.64
N GLU C 391 17.73 -7.27 -16.70
CA GLU C 391 18.66 -6.78 -17.70
C GLU C 391 18.16 -5.51 -18.40
N LYS C 392 16.85 -5.46 -18.65
CA LYS C 392 16.27 -4.32 -19.32
C LYS C 392 15.77 -3.22 -18.39
N GLU C 393 15.96 -3.40 -17.09
CA GLU C 393 15.55 -2.42 -16.07
C GLU C 393 14.12 -1.97 -16.35
N VAL C 394 13.28 -2.98 -16.53
CA VAL C 394 11.89 -2.80 -16.84
C VAL C 394 11.00 -3.47 -15.80
N ALA C 395 9.76 -2.98 -15.69
CA ALA C 395 8.81 -3.57 -14.75
C ALA C 395 7.61 -4.11 -15.53
N ALA C 396 6.98 -5.14 -14.98
CA ALA C 396 5.81 -5.73 -15.61
C ALA C 396 4.56 -5.04 -15.05
N LEU C 397 3.88 -4.25 -15.88
CA LEU C 397 2.66 -3.57 -15.45
C LEU C 397 1.49 -4.54 -15.54
N CYS C 398 0.69 -4.58 -14.48
CA CYS C 398 -0.46 -5.49 -14.42
C CYS C 398 -1.72 -4.89 -13.80
N ARG C 399 -2.86 -5.45 -14.17
CA ARG C 399 -4.14 -5.04 -13.61
C ARG C 399 -4.38 -6.13 -12.56
N TYR C 400 -4.52 -5.71 -11.31
CA TYR C 400 -4.63 -6.63 -10.20
C TYR C 400 -5.97 -6.69 -9.48
N THR C 401 -6.46 -7.90 -9.26
CA THR C 401 -7.71 -8.19 -8.59
C THR C 401 -7.42 -9.32 -7.60
N PRO C 402 -7.32 -9.00 -6.31
CA PRO C 402 -7.03 -9.89 -5.17
C PRO C 402 -8.03 -11.01 -4.89
N ARG C 403 -9.30 -10.69 -5.02
CA ARG C 403 -10.37 -11.63 -4.77
C ARG C 403 -11.56 -11.21 -5.64
N ARG C 404 -12.63 -11.98 -5.61
CA ARG C 404 -13.79 -11.67 -6.40
C ARG C 404 -14.54 -10.40 -5.98
N ASN C 405 -15.20 -9.78 -6.94
CA ASN C 405 -15.95 -8.55 -6.68
C ASN C 405 -15.14 -7.43 -6.07
N ILE C 406 -14.02 -7.08 -6.69
CA ILE C 406 -13.19 -5.98 -6.21
C ILE C 406 -12.70 -5.24 -7.44
N PRO C 407 -12.82 -3.90 -7.44
CA PRO C 407 -12.37 -3.13 -8.60
C PRO C 407 -10.86 -3.34 -8.77
N PRO C 408 -10.35 -3.21 -10.01
CA PRO C 408 -8.91 -3.40 -10.23
C PRO C 408 -7.99 -2.24 -9.86
N TYR C 409 -6.73 -2.57 -9.59
CA TYR C 409 -5.71 -1.57 -9.28
C TYR C 409 -4.51 -1.90 -10.16
N PHE C 410 -3.87 -0.87 -10.68
CA PHE C 410 -2.70 -1.09 -11.50
C PHE C 410 -1.52 -1.24 -10.57
N VAL C 411 -0.66 -2.21 -10.85
CA VAL C 411 0.50 -2.45 -10.04
C VAL C 411 1.69 -2.66 -10.96
N ALA C 412 2.89 -2.42 -10.44
CA ALA C 412 4.13 -2.60 -11.20
C ALA C 412 4.91 -3.74 -10.54
N LEU C 413 5.16 -4.83 -11.26
CA LEU C 413 5.94 -5.91 -10.66
C LEU C 413 7.38 -5.50 -10.89
N VAL C 414 8.07 -5.11 -9.82
CA VAL C 414 9.44 -4.66 -9.93
C VAL C 414 10.43 -5.79 -9.66
N PRO C 415 11.27 -6.09 -10.66
CA PRO C 415 12.26 -7.17 -10.51
C PRO C 415 13.14 -6.96 -9.28
N GLN C 416 13.33 -8.03 -8.52
CA GLN C 416 14.12 -7.99 -7.30
C GLN C 416 15.13 -9.16 -7.25
N GLU C 417 16.41 -8.82 -7.32
CA GLU C 417 17.46 -9.83 -7.29
C GLU C 417 17.82 -10.26 -5.87
N GLU C 418 18.07 -11.55 -5.71
CA GLU C 418 18.45 -12.11 -4.41
C GLU C 418 19.72 -11.47 -3.84
N GLU C 419 19.74 -11.31 -2.52
CA GLU C 419 20.91 -10.74 -1.87
C GLU C 419 21.17 -11.43 -0.52
N LEU C 420 22.42 -11.84 -0.32
CA LEU C 420 22.83 -12.50 0.91
C LEU C 420 23.86 -11.62 1.56
N ASP C 421 23.87 -11.56 2.90
CA ASP C 421 24.88 -10.75 3.57
C ASP C 421 26.11 -11.61 3.91
N ASP C 422 27.01 -11.09 4.72
CA ASP C 422 28.23 -11.82 5.06
C ASP C 422 27.98 -13.09 5.85
N GLN C 423 26.81 -13.19 6.47
CA GLN C 423 26.44 -14.37 7.26
C GLN C 423 25.75 -15.41 6.41
N LYS C 424 25.47 -15.05 5.16
CA LYS C 424 24.78 -15.92 4.21
C LYS C 424 23.27 -15.90 4.47
N ILE C 425 22.81 -14.84 5.12
CA ILE C 425 21.39 -14.69 5.40
C ILE C 425 20.77 -14.05 4.16
N GLN C 426 19.61 -14.53 3.76
CA GLN C 426 18.91 -13.97 2.62
C GLN C 426 18.27 -12.64 3.03
N VAL C 427 18.95 -11.55 2.73
CA VAL C 427 18.45 -10.22 3.06
C VAL C 427 17.35 -9.81 2.09
N THR C 428 17.49 -10.22 0.84
CA THR C 428 16.50 -9.89 -0.18
C THR C 428 16.16 -11.12 -1.00
N PRO C 429 14.91 -11.59 -0.92
CA PRO C 429 14.47 -12.77 -1.67
C PRO C 429 14.32 -12.47 -3.15
N PRO C 430 14.66 -13.43 -4.02
CA PRO C 430 14.54 -13.23 -5.48
C PRO C 430 13.09 -13.33 -5.97
N GLY C 431 12.67 -12.33 -6.74
CA GLY C 431 11.31 -12.32 -7.26
C GLY C 431 10.86 -10.94 -7.74
N PHE C 432 9.59 -10.60 -7.53
CA PHE C 432 9.08 -9.30 -7.95
C PHE C 432 8.42 -8.55 -6.83
N GLN C 433 8.71 -7.25 -6.76
CA GLN C 433 8.08 -6.42 -5.74
C GLN C 433 6.77 -5.95 -6.37
N LEU C 434 5.65 -6.34 -5.78
CA LEU C 434 4.37 -5.89 -6.32
C LEU C 434 4.13 -4.49 -5.75
N VAL C 435 4.36 -3.49 -6.59
CA VAL C 435 4.22 -2.09 -6.21
C VAL C 435 2.89 -1.52 -6.67
N PHE C 436 2.02 -1.16 -5.73
CA PHE C 436 0.72 -0.59 -6.06
C PHE C 436 0.86 0.81 -6.63
N LEU C 437 0.12 1.07 -7.71
CA LEU C 437 0.15 2.38 -8.37
C LEU C 437 -1.15 3.11 -8.10
N PRO C 438 -1.06 4.40 -7.74
CA PRO C 438 -2.23 5.22 -7.45
C PRO C 438 -3.00 5.61 -8.70
N PHE C 439 -4.34 5.67 -8.59
CA PHE C 439 -5.16 6.11 -9.71
C PHE C 439 -5.11 7.62 -9.57
N ALA C 440 -5.57 8.33 -10.58
CA ALA C 440 -5.55 9.79 -10.53
C ALA C 440 -6.26 10.34 -9.28
N ASP C 441 -7.32 9.66 -8.85
CA ASP C 441 -8.11 10.07 -7.67
C ASP C 441 -7.28 10.04 -6.37
N ASP C 442 -6.28 9.17 -6.34
CA ASP C 442 -5.46 9.03 -5.13
C ASP C 442 -4.40 10.10 -5.01
N LYS C 443 -4.25 10.91 -6.05
CA LYS C 443 -3.27 11.98 -6.04
C LYS C 443 -3.92 13.27 -5.58
N ARG C 444 -3.17 14.08 -4.85
CA ARG C 444 -3.70 15.34 -4.36
C ARG C 444 -2.85 16.51 -4.77
N LYS C 445 -3.50 17.55 -5.26
CA LYS C 445 -2.79 18.75 -5.70
C LYS C 445 -2.60 19.71 -4.54
N MET C 446 -1.64 20.61 -4.70
CA MET C 446 -1.35 21.62 -3.69
C MET C 446 -0.76 22.86 -4.34
N PRO C 447 -1.19 24.05 -3.90
CA PRO C 447 -0.68 25.29 -4.46
C PRO C 447 0.73 25.54 -3.96
N PHE C 448 1.54 26.17 -4.80
CA PHE C 448 2.91 26.46 -4.41
C PHE C 448 3.20 27.94 -4.63
N THR C 449 3.94 28.52 -3.69
CA THR C 449 4.32 29.92 -3.78
C THR C 449 5.72 29.95 -4.36
N GLU C 450 6.30 31.14 -4.47
CA GLU C 450 7.64 31.28 -5.01
C GLU C 450 8.61 30.32 -4.34
N LYS C 451 9.57 29.83 -5.10
CA LYS C 451 10.58 28.92 -4.58
C LYS C 451 11.67 29.75 -3.91
N ILE C 452 11.87 29.52 -2.62
CA ILE C 452 12.88 30.24 -1.86
C ILE C 452 14.04 29.30 -1.58
N MET C 453 15.21 29.60 -2.13
CA MET C 453 16.38 28.75 -1.95
C MET C 453 17.47 29.32 -1.05
N ALA C 454 18.17 28.43 -0.35
CA ALA C 454 19.24 28.80 0.55
C ALA C 454 20.56 29.05 -0.18
N THR C 455 21.46 29.79 0.46
CA THR C 455 22.76 30.09 -0.13
C THR C 455 23.76 28.97 0.15
N PRO C 456 24.86 28.92 -0.60
CA PRO C 456 25.85 27.86 -0.36
C PRO C 456 26.36 27.86 1.07
N GLU C 457 26.48 29.05 1.66
CA GLU C 457 26.96 29.17 3.03
C GLU C 457 25.99 28.54 4.05
N GLN C 458 24.69 28.68 3.81
CA GLN C 458 23.69 28.10 4.69
C GLN C 458 23.61 26.57 4.49
N VAL C 459 23.62 26.14 3.23
CA VAL C 459 23.56 24.71 2.90
C VAL C 459 24.80 24.01 3.48
N GLY C 460 25.92 24.73 3.46
CA GLY C 460 27.17 24.21 3.98
C GLY C 460 27.01 23.96 5.47
N LYS C 461 26.47 24.94 6.19
CA LYS C 461 26.27 24.77 7.62
C LYS C 461 25.38 23.57 7.92
N MET C 462 24.31 23.42 7.14
CA MET C 462 23.39 22.31 7.33
C MET C 462 24.10 20.99 7.01
N LYS C 463 24.94 21.00 5.98
CA LYS C 463 25.67 19.80 5.60
C LYS C 463 26.48 19.30 6.79
N ALA C 464 27.17 20.24 7.44
CA ALA C 464 28.00 19.94 8.59
C ALA C 464 27.16 19.35 9.71
N ILE C 465 25.94 19.85 9.85
CA ILE C 465 25.04 19.36 10.88
C ILE C 465 24.57 17.95 10.52
N VAL C 466 24.20 17.77 9.25
CA VAL C 466 23.75 16.48 8.77
C VAL C 466 24.81 15.42 9.01
N GLU C 467 26.06 15.76 8.70
CA GLU C 467 27.15 14.81 8.88
C GLU C 467 27.39 14.46 10.34
N LYS C 468 27.05 15.38 11.24
CA LYS C 468 27.24 15.14 12.67
C LYS C 468 26.27 14.10 13.23
N LEU C 469 25.02 14.13 12.75
CA LEU C 469 23.99 13.22 13.20
C LEU C 469 23.77 12.05 12.25
N ARG C 470 24.86 11.62 11.62
CA ARG C 470 24.80 10.51 10.68
C ARG C 470 24.75 9.19 11.45
N PHE C 471 24.08 8.19 10.90
CA PHE C 471 24.01 6.91 11.59
C PHE C 471 23.62 5.82 10.61
N THR C 472 23.80 4.56 11.00
CA THR C 472 23.48 3.44 10.13
C THR C 472 22.07 2.93 10.37
N TYR C 473 21.21 3.13 9.37
CA TYR C 473 19.83 2.69 9.46
C TYR C 473 19.67 1.23 9.07
N ARG C 474 18.80 0.55 9.81
CA ARG C 474 18.51 -0.86 9.58
C ARG C 474 17.00 -1.01 9.77
N SER C 475 16.33 -1.63 8.79
CA SER C 475 14.89 -1.79 8.86
C SER C 475 14.33 -2.37 10.16
N ASP C 476 15.17 -3.02 10.97
CA ASP C 476 14.70 -3.60 12.24
C ASP C 476 15.28 -2.95 13.49
N SER C 477 15.60 -1.67 13.42
CA SER C 477 16.18 -0.99 14.58
C SER C 477 15.14 -0.42 15.54
N PHE C 478 13.93 -0.19 15.07
CA PHE C 478 12.92 0.41 15.94
C PHE C 478 11.78 -0.52 16.34
N GLU C 479 11.36 -0.41 17.58
CA GLU C 479 10.27 -1.22 18.07
C GLU C 479 9.07 -0.31 18.24
N ASN C 480 7.87 -0.88 18.13
CA ASN C 480 6.66 -0.11 18.27
C ASN C 480 6.36 0.15 19.76
N PRO C 481 6.60 1.38 20.22
CA PRO C 481 6.38 1.78 21.62
C PRO C 481 5.05 1.28 22.16
N VAL C 482 4.01 1.50 21.37
CA VAL C 482 2.66 1.11 21.73
C VAL C 482 2.45 -0.39 21.93
N LEU C 483 2.90 -1.20 20.98
CA LEU C 483 2.73 -2.64 21.11
C LEU C 483 3.53 -3.16 22.28
N GLN C 484 4.81 -2.76 22.33
CA GLN C 484 5.69 -3.21 23.40
C GLN C 484 5.09 -2.97 24.77
N GLN C 485 4.61 -1.76 25.00
CA GLN C 485 4.04 -1.42 26.30
C GLN C 485 2.80 -2.25 26.58
N HIS C 486 2.02 -2.52 25.54
CA HIS C 486 0.80 -3.29 25.70
C HIS C 486 1.07 -4.69 26.23
N PHE C 487 2.12 -5.34 25.73
CA PHE C 487 2.43 -6.68 26.19
C PHE C 487 3.21 -6.67 27.48
N ARG C 488 3.98 -5.61 27.73
CA ARG C 488 4.67 -5.53 28.99
C ARG C 488 3.53 -5.47 30.03
N ASN C 489 2.49 -4.69 29.73
CA ASN C 489 1.36 -4.58 30.64
C ASN C 489 0.66 -5.91 30.90
N LEU C 490 0.45 -6.69 29.84
CA LEU C 490 -0.20 -7.98 29.99
C LEU C 490 0.66 -8.91 30.83
N GLU C 491 1.98 -8.81 30.64
CA GLU C 491 2.93 -9.62 31.39
C GLU C 491 2.79 -9.38 32.88
N ALA C 492 2.75 -8.11 33.27
CA ALA C 492 2.63 -7.72 34.67
C ALA C 492 1.32 -8.25 35.28
N LEU C 493 0.26 -8.29 34.48
CA LEU C 493 -1.04 -8.77 34.97
C LEU C 493 -1.15 -10.30 35.02
N ALA C 494 -0.58 -10.98 34.03
CA ALA C 494 -0.62 -12.44 33.96
C ALA C 494 0.35 -13.13 34.91
N LEU C 495 1.46 -12.47 35.23
CA LEU C 495 2.46 -13.04 36.12
C LEU C 495 2.46 -12.41 37.52
N ASP C 496 1.58 -11.44 37.74
CA ASP C 496 1.50 -10.76 39.04
C ASP C 496 2.86 -10.17 39.45
N LEU C 497 3.47 -9.42 38.54
CA LEU C 497 4.76 -8.80 38.81
C LEU C 497 4.59 -7.62 39.76
N MET C 498 5.70 -7.16 40.32
CA MET C 498 5.67 -6.03 41.24
C MET C 498 5.22 -4.79 40.48
N GLU C 499 5.66 -4.67 39.24
CA GLU C 499 5.27 -3.53 38.41
C GLU C 499 5.41 -3.80 36.92
N PRO C 500 4.61 -3.12 36.10
CA PRO C 500 4.65 -3.29 34.65
C PRO C 500 5.98 -2.76 34.11
N GLU C 501 6.76 -3.60 33.46
CA GLU C 501 8.02 -3.11 32.91
C GLU C 501 7.66 -1.93 32.01
N GLN C 502 8.54 -0.94 31.93
CA GLN C 502 8.24 0.22 31.09
C GLN C 502 9.11 0.15 29.85
N ALA C 503 8.46 0.14 28.69
CA ALA C 503 9.18 0.05 27.43
C ALA C 503 10.00 1.31 27.16
N VAL C 504 11.09 1.14 26.43
CA VAL C 504 11.96 2.24 26.06
C VAL C 504 11.55 2.71 24.67
N ASP C 505 11.00 3.91 24.57
CA ASP C 505 10.57 4.43 23.27
C ASP C 505 11.82 4.69 22.44
N LEU C 506 12.07 3.81 21.48
CA LEU C 506 13.23 3.94 20.62
C LEU C 506 13.00 4.97 19.53
N THR C 507 11.80 5.54 19.49
CA THR C 507 11.46 6.53 18.46
C THR C 507 11.77 7.96 18.90
N LEU C 508 12.05 8.14 20.19
CA LEU C 508 12.35 9.47 20.71
C LEU C 508 13.81 9.84 20.48
N PRO C 509 14.06 11.05 19.97
CA PRO C 509 15.42 11.52 19.70
C PRO C 509 16.22 11.67 20.99
N LYS C 510 17.50 11.34 20.92
CA LYS C 510 18.39 11.45 22.07
C LYS C 510 18.88 12.90 22.08
N VAL C 511 17.97 13.80 22.42
CA VAL C 511 18.21 15.25 22.46
C VAL C 511 19.55 15.74 23.05
N GLU C 512 19.76 15.53 24.35
CA GLU C 512 21.01 15.97 24.99
C GLU C 512 22.26 15.53 24.25
N ALA C 513 22.33 14.25 23.90
CA ALA C 513 23.48 13.72 23.19
C ALA C 513 23.66 14.48 21.88
N MET C 514 22.57 14.64 21.12
CA MET C 514 22.60 15.36 19.86
C MET C 514 23.10 16.79 20.02
N ASN C 515 22.62 17.48 21.05
CA ASN C 515 23.04 18.86 21.29
C ASN C 515 24.56 18.95 21.48
N LYS C 516 25.11 18.09 22.34
CA LYS C 516 26.55 18.11 22.56
C LYS C 516 27.28 17.78 21.27
N ARG C 517 26.79 16.76 20.57
CA ARG C 517 27.38 16.31 19.31
C ARG C 517 27.42 17.43 18.26
N LEU C 518 26.43 18.34 18.30
CA LEU C 518 26.35 19.45 17.34
C LEU C 518 27.14 20.69 17.74
N GLY C 519 27.39 20.85 19.04
CA GLY C 519 28.14 22.01 19.49
C GLY C 519 27.52 23.33 19.10
N SER C 520 28.33 24.19 18.48
CA SER C 520 27.89 25.52 18.06
C SER C 520 27.26 25.58 16.66
N LEU C 521 27.27 24.47 15.94
CA LEU C 521 26.70 24.42 14.60
C LEU C 521 25.27 24.97 14.56
N VAL C 522 24.53 24.75 15.65
CA VAL C 522 23.15 25.23 15.73
C VAL C 522 23.11 26.74 15.77
N ASP C 523 23.84 27.33 16.70
CA ASP C 523 23.88 28.78 16.82
C ASP C 523 24.38 29.39 15.52
N GLU C 524 25.34 28.72 14.89
CA GLU C 524 25.90 29.19 13.63
C GLU C 524 24.84 29.22 12.55
N PHE C 525 24.14 28.10 12.39
CA PHE C 525 23.08 27.99 11.40
C PHE C 525 22.05 29.11 11.59
N LYS C 526 21.65 29.33 12.84
CA LYS C 526 20.67 30.36 13.17
C LYS C 526 21.09 31.76 12.72
N GLU C 527 22.34 32.12 12.97
CA GLU C 527 22.83 33.44 12.58
C GLU C 527 22.77 33.63 11.07
N LEU C 528 22.94 32.54 10.33
CA LEU C 528 22.89 32.61 8.87
C LEU C 528 21.47 32.61 8.31
N VAL C 529 20.49 32.22 9.13
CA VAL C 529 19.11 32.12 8.67
C VAL C 529 18.04 32.94 9.39
N TYR C 530 18.01 32.87 10.72
CA TYR C 530 16.98 33.57 11.49
C TYR C 530 17.33 34.97 11.97
N PRO C 531 16.53 35.97 11.57
CA PRO C 531 16.82 37.34 12.00
C PRO C 531 16.69 37.32 13.52
N PRO C 532 17.56 38.07 14.22
CA PRO C 532 17.44 38.06 15.68
C PRO C 532 16.03 38.47 16.07
N ASP C 533 15.35 39.11 15.13
CA ASP C 533 13.99 39.58 15.34
C ASP C 533 13.00 38.57 14.74
N TYR C 534 13.03 37.34 15.23
CA TYR C 534 12.15 36.28 14.73
C TYR C 534 11.20 35.78 15.83
N ASN D 6 -13.64 26.37 -1.56
CA ASN D 6 -14.79 25.95 -0.71
C ASN D 6 -16.01 25.62 -1.55
N LYS D 7 -16.29 26.44 -2.56
CA LYS D 7 -17.44 26.25 -3.46
C LYS D 7 -17.05 26.82 -4.84
N ALA D 8 -17.66 26.33 -5.91
CA ALA D 8 -17.34 26.83 -7.25
C ALA D 8 -18.54 26.95 -8.18
N ALA D 9 -18.48 27.94 -9.07
CA ALA D 9 -19.54 28.19 -10.05
C ALA D 9 -19.03 27.71 -11.42
N VAL D 10 -19.75 26.78 -12.02
CA VAL D 10 -19.33 26.22 -13.31
C VAL D 10 -20.37 26.27 -14.41
N VAL D 11 -19.93 26.65 -15.60
CA VAL D 11 -20.85 26.69 -16.73
C VAL D 11 -20.35 25.74 -17.81
N LEU D 12 -21.16 24.75 -18.15
CA LEU D 12 -20.79 23.81 -19.20
C LEU D 12 -21.41 24.43 -20.46
N CYS D 13 -20.56 24.73 -21.44
CA CYS D 13 -21.03 25.34 -22.68
C CYS D 13 -20.95 24.27 -23.77
N MET D 14 -22.08 23.64 -24.07
CA MET D 14 -22.12 22.58 -25.07
C MET D 14 -22.59 22.95 -26.47
N ASP D 15 -21.92 22.36 -27.45
CA ASP D 15 -22.22 22.56 -28.87
C ASP D 15 -23.13 21.43 -29.34
N VAL D 16 -24.34 21.78 -29.75
CA VAL D 16 -25.29 20.78 -30.23
C VAL D 16 -25.70 21.18 -31.65
N GLY D 17 -24.76 21.79 -32.38
CA GLY D 17 -25.02 22.23 -33.73
C GLY D 17 -25.01 21.08 -34.71
N PHE D 18 -25.57 21.31 -35.89
CA PHE D 18 -25.66 20.28 -36.93
C PHE D 18 -24.43 19.40 -37.08
N THR D 19 -23.27 20.01 -37.32
CA THR D 19 -22.04 19.25 -37.48
C THR D 19 -21.68 18.33 -36.32
N MET D 20 -22.12 18.65 -35.11
CA MET D 20 -21.81 17.82 -33.95
C MET D 20 -22.36 16.40 -34.10
N SER D 21 -23.29 16.22 -35.03
CA SER D 21 -23.92 14.92 -35.22
C SER D 21 -23.39 14.10 -36.40
N ASN D 22 -22.45 14.66 -37.15
CA ASN D 22 -21.89 13.91 -38.28
C ASN D 22 -21.33 12.57 -37.79
N SER D 23 -22.07 11.50 -38.04
CA SER D 23 -21.67 10.17 -37.60
C SER D 23 -20.69 9.49 -38.56
N ILE D 24 -19.54 9.07 -38.01
CA ILE D 24 -18.52 8.37 -38.79
C ILE D 24 -18.81 6.88 -38.67
N PRO D 25 -18.85 6.16 -39.79
CA PRO D 25 -19.12 4.72 -39.78
C PRO D 25 -18.48 3.95 -38.64
N GLY D 26 -19.19 3.88 -37.51
CA GLY D 26 -18.68 3.17 -36.34
C GLY D 26 -18.06 4.06 -35.28
N ILE D 27 -17.69 5.28 -35.65
CA ILE D 27 -17.08 6.21 -34.72
C ILE D 27 -18.08 7.22 -34.18
N GLU D 28 -18.33 7.17 -32.88
CA GLU D 28 -19.26 8.08 -32.20
C GLU D 28 -19.12 9.54 -32.61
N SER D 29 -20.26 10.23 -32.72
CA SER D 29 -20.26 11.64 -33.10
C SER D 29 -19.82 12.51 -31.94
N PRO D 30 -19.30 13.72 -32.24
CA PRO D 30 -18.84 14.65 -31.21
C PRO D 30 -19.94 14.86 -30.17
N PHE D 31 -21.16 15.06 -30.66
CA PHE D 31 -22.31 15.29 -29.79
C PHE D 31 -22.43 14.20 -28.72
N GLU D 32 -22.38 12.94 -29.14
CA GLU D 32 -22.51 11.81 -28.21
C GLU D 32 -21.30 11.69 -27.28
N GLN D 33 -20.12 12.00 -27.82
CA GLN D 33 -18.90 11.94 -27.04
C GLN D 33 -18.95 13.02 -25.96
N ALA D 34 -19.29 14.24 -26.36
CA ALA D 34 -19.37 15.37 -25.43
C ALA D 34 -20.45 15.11 -24.39
N LYS D 35 -21.50 14.42 -24.80
CA LYS D 35 -22.62 14.11 -23.93
C LYS D 35 -22.17 13.19 -22.78
N LYS D 36 -21.23 12.29 -23.07
CA LYS D 36 -20.70 11.37 -22.07
C LYS D 36 -19.76 12.07 -21.09
N VAL D 37 -18.98 13.00 -21.61
CA VAL D 37 -18.05 13.74 -20.77
C VAL D 37 -18.81 14.60 -19.77
N ILE D 38 -19.86 15.26 -20.26
CA ILE D 38 -20.67 16.13 -19.42
C ILE D 38 -21.41 15.33 -18.35
N THR D 39 -21.91 14.16 -18.73
CA THR D 39 -22.61 13.29 -17.79
C THR D 39 -21.61 12.86 -16.72
N MET D 40 -20.41 12.52 -17.16
CA MET D 40 -19.37 12.09 -16.26
C MET D 40 -19.16 13.16 -15.19
N PHE D 41 -18.98 14.40 -15.63
CA PHE D 41 -18.78 15.53 -14.73
C PHE D 41 -19.99 15.76 -13.81
N VAL D 42 -21.19 15.82 -14.38
CA VAL D 42 -22.38 16.10 -13.56
C VAL D 42 -22.66 14.96 -12.55
N GLN D 43 -22.45 13.71 -12.98
CA GLN D 43 -22.65 12.58 -12.08
C GLN D 43 -21.79 12.72 -10.83
N ARG D 44 -20.49 12.91 -11.01
CA ARG D 44 -19.61 13.06 -9.86
C ARG D 44 -20.06 14.19 -8.96
N GLN D 45 -20.45 15.32 -9.55
CA GLN D 45 -20.91 16.47 -8.75
C GLN D 45 -22.19 16.14 -7.98
N VAL D 46 -23.04 15.32 -8.57
CA VAL D 46 -24.28 14.97 -7.90
C VAL D 46 -24.10 13.95 -6.77
N PHE D 47 -23.47 12.82 -7.08
CA PHE D 47 -23.27 11.76 -6.09
C PHE D 47 -22.26 12.03 -4.99
N ALA D 48 -21.41 13.04 -5.17
CA ALA D 48 -20.42 13.39 -4.17
C ALA D 48 -21.01 14.47 -3.28
N GLU D 49 -22.18 14.96 -3.69
CA GLU D 49 -22.93 15.98 -2.97
C GLU D 49 -22.14 17.23 -2.60
N ASN D 50 -21.51 17.86 -3.59
CA ASN D 50 -20.75 19.08 -3.39
C ASN D 50 -21.70 20.26 -3.32
N LYS D 51 -21.13 21.46 -3.20
CA LYS D 51 -21.93 22.66 -3.14
C LYS D 51 -21.70 23.49 -4.40
N ASP D 52 -20.91 22.95 -5.33
CA ASP D 52 -20.62 23.65 -6.58
C ASP D 52 -21.94 23.87 -7.31
N GLU D 53 -22.04 25.02 -7.98
CA GLU D 53 -23.23 25.39 -8.74
C GLU D 53 -22.92 25.18 -10.21
N ILE D 54 -23.89 24.65 -10.95
CA ILE D 54 -23.69 24.36 -12.36
C ILE D 54 -24.77 24.85 -13.32
N ALA D 55 -24.34 25.50 -14.40
CA ALA D 55 -25.28 25.97 -15.41
C ALA D 55 -24.93 25.25 -16.73
N LEU D 56 -25.91 25.13 -17.62
CA LEU D 56 -25.67 24.46 -18.89
C LEU D 56 -26.16 25.28 -20.05
N VAL D 57 -25.22 25.76 -20.87
CA VAL D 57 -25.54 26.56 -22.04
C VAL D 57 -25.35 25.69 -23.29
N LEU D 58 -26.30 25.76 -24.21
CA LEU D 58 -26.23 24.97 -25.44
C LEU D 58 -26.21 25.90 -26.65
N PHE D 59 -25.40 25.57 -27.65
CA PHE D 59 -25.39 26.42 -28.82
C PHE D 59 -25.44 25.61 -30.11
N GLY D 60 -26.21 26.12 -31.06
CA GLY D 60 -26.39 25.43 -32.32
C GLY D 60 -27.79 24.88 -32.30
N THR D 61 -28.57 25.30 -31.31
CA THR D 61 -29.95 24.86 -31.18
C THR D 61 -30.86 25.60 -32.13
N ASP D 62 -32.04 25.02 -32.38
CA ASP D 62 -33.01 25.61 -33.28
C ASP D 62 -33.60 26.91 -32.73
N GLY D 63 -33.95 26.89 -31.45
CA GLY D 63 -34.52 28.09 -30.85
C GLY D 63 -33.46 29.02 -30.31
N THR D 64 -33.92 30.05 -29.61
CA THR D 64 -33.05 31.05 -29.01
C THR D 64 -33.61 31.48 -27.66
N ASP D 65 -32.87 31.22 -26.59
CA ASP D 65 -33.33 31.62 -25.26
C ASP D 65 -32.17 31.91 -24.31
N ASN D 66 -31.71 33.16 -24.35
CA ASN D 66 -30.61 33.59 -23.49
C ASN D 66 -30.77 35.09 -23.25
N PRO D 67 -30.29 35.58 -22.10
CA PRO D 67 -30.41 37.00 -21.76
C PRO D 67 -29.56 37.99 -22.54
N LEU D 68 -29.38 37.77 -23.83
CA LEU D 68 -28.59 38.69 -24.64
C LEU D 68 -29.14 38.75 -26.06
N SER D 69 -30.19 37.99 -26.31
CA SER D 69 -30.83 37.93 -27.62
C SER D 69 -31.39 39.28 -28.06
N GLY D 70 -31.54 40.19 -27.11
CA GLY D 70 -32.07 41.50 -27.42
C GLY D 70 -31.43 42.15 -28.65
N GLY D 71 -32.20 42.18 -29.75
CA GLY D 71 -31.70 42.78 -30.97
C GLY D 71 -31.19 41.79 -32.01
N ASP D 72 -31.82 40.63 -32.08
CA ASP D 72 -31.42 39.58 -33.02
C ASP D 72 -29.93 39.28 -33.00
N GLN D 73 -29.37 39.18 -31.80
CA GLN D 73 -27.96 38.85 -31.62
C GLN D 73 -27.91 37.51 -30.90
N TYR D 74 -26.70 37.00 -30.67
CA TYR D 74 -26.54 35.72 -29.96
C TYR D 74 -27.68 34.74 -30.20
N GLN D 75 -27.98 34.47 -31.47
CA GLN D 75 -29.05 33.56 -31.81
C GLN D 75 -28.63 32.09 -31.70
N ASN D 76 -29.62 31.21 -31.55
CA ASN D 76 -29.37 29.78 -31.45
C ASN D 76 -28.49 29.38 -30.28
N ILE D 77 -28.57 30.16 -29.21
CA ILE D 77 -27.82 29.90 -28.00
C ILE D 77 -28.86 29.79 -26.91
N THR D 78 -28.85 28.68 -26.19
CA THR D 78 -29.83 28.43 -25.15
C THR D 78 -29.25 28.12 -23.78
N VAL D 79 -29.76 28.78 -22.76
CA VAL D 79 -29.32 28.51 -21.41
C VAL D 79 -30.31 27.48 -20.91
N HIS D 80 -30.01 26.21 -21.13
CA HIS D 80 -30.88 25.11 -20.72
C HIS D 80 -31.05 25.03 -19.21
N ARG D 81 -30.00 25.34 -18.47
CA ARG D 81 -30.02 25.29 -17.01
C ARG D 81 -29.31 26.49 -16.41
N HIS D 82 -29.95 27.15 -15.44
CA HIS D 82 -29.32 28.32 -14.81
C HIS D 82 -28.51 27.89 -13.58
N LEU D 83 -27.58 28.72 -13.15
CA LEU D 83 -26.73 28.41 -11.99
C LEU D 83 -27.44 27.96 -10.74
N MET D 84 -27.19 26.72 -10.34
CA MET D 84 -27.79 26.15 -9.14
C MET D 84 -27.28 24.72 -9.00
N LEU D 85 -27.39 24.17 -7.79
CA LEU D 85 -26.94 22.81 -7.51
C LEU D 85 -27.44 21.83 -8.56
N PRO D 86 -26.57 20.91 -9.03
CA PRO D 86 -27.04 19.94 -10.03
C PRO D 86 -27.97 18.94 -9.37
N ASP D 87 -28.77 18.25 -10.17
CA ASP D 87 -29.73 17.28 -9.64
C ASP D 87 -30.03 16.18 -10.66
N PHE D 88 -30.92 15.28 -10.30
CA PHE D 88 -31.26 14.18 -11.21
C PHE D 88 -32.04 14.63 -12.45
N ASP D 89 -32.66 15.81 -12.38
CA ASP D 89 -33.38 16.30 -13.56
C ASP D 89 -32.37 16.80 -14.60
N LEU D 90 -31.21 17.28 -14.16
CA LEU D 90 -30.19 17.75 -15.09
C LEU D 90 -29.64 16.53 -15.84
N LEU D 91 -29.24 15.52 -15.08
CA LEU D 91 -28.71 14.29 -15.63
C LEU D 91 -29.68 13.67 -16.63
N GLU D 92 -30.96 13.63 -16.27
CA GLU D 92 -31.97 13.05 -17.15
C GLU D 92 -32.06 13.83 -18.46
N ASP D 93 -32.06 15.15 -18.39
CA ASP D 93 -32.13 15.97 -19.61
C ASP D 93 -30.96 15.63 -20.50
N ILE D 94 -29.77 15.60 -19.90
CA ILE D 94 -28.54 15.30 -20.62
C ILE D 94 -28.65 13.95 -21.30
N GLU D 95 -29.21 13.01 -20.57
CA GLU D 95 -29.35 11.65 -21.07
C GLU D 95 -30.53 11.43 -22.01
N SER D 96 -31.64 12.13 -21.77
CA SER D 96 -32.82 11.92 -22.59
C SER D 96 -33.48 13.12 -23.29
N LYS D 97 -33.67 14.23 -22.59
CA LYS D 97 -34.31 15.37 -23.24
C LYS D 97 -33.50 16.08 -24.32
N ILE D 98 -32.37 16.68 -23.94
CA ILE D 98 -31.55 17.43 -24.90
C ILE D 98 -31.24 16.70 -26.21
N GLN D 99 -31.75 17.28 -27.29
CA GLN D 99 -31.57 16.74 -28.64
C GLN D 99 -30.59 17.56 -29.47
N PRO D 100 -29.99 16.96 -30.51
CA PRO D 100 -29.04 17.69 -31.37
C PRO D 100 -29.79 18.75 -32.16
N GLY D 101 -29.13 19.88 -32.39
CA GLY D 101 -29.74 20.97 -33.12
C GLY D 101 -29.51 20.86 -34.62
N SER D 102 -30.14 21.77 -35.36
CA SER D 102 -30.06 21.78 -36.82
C SER D 102 -29.29 22.99 -37.31
N GLN D 103 -28.90 23.86 -36.38
CA GLN D 103 -28.19 25.08 -36.76
C GLN D 103 -26.73 25.05 -36.33
N GLN D 104 -26.12 26.23 -36.36
CA GLN D 104 -24.73 26.42 -35.98
C GLN D 104 -24.64 27.81 -35.34
N ALA D 105 -24.02 27.90 -34.17
CA ALA D 105 -23.89 29.20 -33.51
C ALA D 105 -22.43 29.61 -33.37
N ASP D 106 -22.21 30.90 -33.10
CA ASP D 106 -20.87 31.46 -32.92
C ASP D 106 -20.39 30.93 -31.56
N PHE D 107 -19.28 30.20 -31.52
CA PHE D 107 -18.83 29.64 -30.23
C PHE D 107 -18.30 30.70 -29.26
N LEU D 108 -17.70 31.76 -29.79
CA LEU D 108 -17.23 32.82 -28.91
C LEU D 108 -18.47 33.56 -28.35
N ASP D 109 -19.58 33.51 -29.07
CA ASP D 109 -20.81 34.16 -28.59
C ASP D 109 -21.34 33.31 -27.43
N ALA D 110 -21.26 31.98 -27.58
CA ALA D 110 -21.70 31.05 -26.54
C ALA D 110 -20.89 31.30 -25.27
N LEU D 111 -19.59 31.50 -25.44
CA LEU D 111 -18.69 31.78 -24.32
C LEU D 111 -19.15 33.06 -23.60
N ILE D 112 -19.47 34.09 -24.37
CA ILE D 112 -19.90 35.36 -23.80
C ILE D 112 -21.18 35.17 -22.98
N VAL D 113 -22.10 34.36 -23.49
CA VAL D 113 -23.35 34.09 -22.76
C VAL D 113 -23.02 33.29 -21.49
N SER D 114 -22.01 32.45 -21.59
CA SER D 114 -21.58 31.64 -20.45
C SER D 114 -20.98 32.55 -19.40
N MET D 115 -20.19 33.52 -19.84
CA MET D 115 -19.58 34.46 -18.91
C MET D 115 -20.65 35.31 -18.26
N ASP D 116 -21.70 35.61 -19.02
CA ASP D 116 -22.80 36.40 -18.51
C ASP D 116 -23.46 35.69 -17.35
N VAL D 117 -23.72 34.40 -17.52
CA VAL D 117 -24.36 33.60 -16.47
C VAL D 117 -23.56 33.70 -15.18
N ILE D 118 -22.24 33.56 -15.27
CA ILE D 118 -21.40 33.64 -14.08
C ILE D 118 -21.41 35.05 -13.51
N GLN D 119 -21.46 36.06 -14.36
CA GLN D 119 -21.44 37.44 -13.91
C GLN D 119 -22.75 37.93 -13.31
N HIS D 120 -23.87 37.47 -13.85
CA HIS D 120 -25.19 37.88 -13.36
C HIS D 120 -25.80 37.00 -12.27
N GLU D 121 -25.30 35.77 -12.13
CA GLU D 121 -25.87 34.86 -11.15
C GLU D 121 -25.03 34.50 -9.94
N THR D 122 -23.72 34.71 -9.98
CA THR D 122 -22.89 34.40 -8.81
C THR D 122 -23.12 35.52 -7.81
N ILE D 123 -24.00 36.44 -8.20
CA ILE D 123 -24.38 37.61 -7.43
C ILE D 123 -24.55 37.33 -5.93
N GLY D 124 -23.73 37.99 -5.12
CA GLY D 124 -23.81 37.82 -3.68
C GLY D 124 -23.20 36.55 -3.14
N LYS D 125 -23.54 35.41 -3.75
CA LYS D 125 -23.00 34.12 -3.32
C LYS D 125 -21.48 34.19 -3.37
N LYS D 126 -20.83 33.52 -2.42
CA LYS D 126 -19.38 33.53 -2.42
C LYS D 126 -18.83 32.28 -3.07
N PHE D 127 -18.16 32.47 -4.20
CA PHE D 127 -17.56 31.36 -4.91
C PHE D 127 -16.06 31.58 -4.96
N GLU D 128 -15.31 30.54 -4.60
CA GLU D 128 -13.86 30.65 -4.61
C GLU D 128 -13.40 30.58 -6.07
N LYS D 129 -14.15 29.84 -6.87
CA LYS D 129 -13.82 29.66 -8.27
C LYS D 129 -15.00 29.71 -9.22
N ARG D 130 -14.77 30.31 -10.38
CA ARG D 130 -15.74 30.45 -11.45
C ARG D 130 -15.04 29.79 -12.63
N HIS D 131 -15.72 28.85 -13.29
CA HIS D 131 -15.09 28.12 -14.39
C HIS D 131 -16.06 27.83 -15.53
N ILE D 132 -15.52 27.79 -16.74
CA ILE D 132 -16.31 27.53 -17.93
C ILE D 132 -15.67 26.45 -18.78
N GLU D 133 -16.45 25.44 -19.12
CA GLU D 133 -15.97 24.34 -19.93
C GLU D 133 -16.72 24.30 -21.25
N ILE D 134 -15.98 24.39 -22.35
CA ILE D 134 -16.61 24.38 -23.65
C ILE D 134 -16.40 23.06 -24.40
N PHE D 135 -17.48 22.54 -24.98
CA PHE D 135 -17.44 21.30 -25.73
C PHE D 135 -17.94 21.59 -27.14
N THR D 136 -17.02 21.60 -28.11
CA THR D 136 -17.39 21.92 -29.48
C THR D 136 -16.51 21.21 -30.53
N ASP D 137 -16.90 21.30 -31.80
CA ASP D 137 -16.09 20.68 -32.84
C ASP D 137 -15.42 21.76 -33.72
N LEU D 138 -15.58 23.02 -33.32
CA LEU D 138 -14.99 24.16 -34.04
C LEU D 138 -15.22 24.10 -35.56
N SER D 139 -16.36 23.57 -35.94
CA SER D 139 -16.73 23.40 -37.34
C SER D 139 -17.13 24.66 -38.10
N SER D 140 -17.84 25.56 -37.42
CA SER D 140 -18.36 26.73 -38.09
C SER D 140 -17.65 28.06 -37.95
N ARG D 141 -18.09 29.01 -38.77
CA ARG D 141 -17.54 30.36 -38.79
C ARG D 141 -17.98 31.09 -37.54
N PHE D 142 -17.22 32.12 -37.17
CA PHE D 142 -17.53 32.91 -35.99
C PHE D 142 -16.79 34.24 -36.09
N SER D 143 -17.18 35.19 -35.26
CA SER D 143 -16.57 36.52 -35.27
C SER D 143 -15.37 36.56 -34.32
N LYS D 144 -14.40 37.42 -34.64
CA LYS D 144 -13.21 37.55 -33.80
C LYS D 144 -13.11 38.96 -33.26
N SER D 145 -14.20 39.71 -33.37
CA SER D 145 -14.25 41.08 -32.94
C SER D 145 -14.29 41.30 -31.42
N GLN D 146 -14.70 40.27 -30.68
CA GLN D 146 -14.83 40.34 -29.22
C GLN D 146 -13.67 39.68 -28.47
N LEU D 147 -12.61 39.32 -29.18
CA LEU D 147 -11.48 38.66 -28.53
C LEU D 147 -10.91 39.40 -27.33
N ASP D 148 -10.52 40.65 -27.51
CA ASP D 148 -9.94 41.41 -26.41
C ASP D 148 -10.93 41.62 -25.28
N ILE D 149 -12.20 41.83 -25.62
CA ILE D 149 -13.24 42.03 -24.63
C ILE D 149 -13.36 40.77 -23.80
N ILE D 150 -13.40 39.63 -24.49
CA ILE D 150 -13.52 38.35 -23.84
C ILE D 150 -12.37 38.05 -22.87
N ILE D 151 -11.14 38.23 -23.32
CA ILE D 151 -9.99 37.97 -22.49
C ILE D 151 -9.90 38.91 -21.28
N HIS D 152 -10.21 40.17 -21.50
CA HIS D 152 -10.18 41.17 -20.44
C HIS D 152 -11.18 40.85 -19.32
N SER D 153 -12.35 40.32 -19.68
CA SER D 153 -13.36 39.99 -18.68
C SER D 153 -13.05 38.68 -17.96
N LEU D 154 -12.41 37.74 -18.66
CA LEU D 154 -12.07 36.48 -18.02
C LEU D 154 -11.01 36.73 -16.95
N LYS D 155 -10.02 37.55 -17.29
CA LYS D 155 -8.96 37.87 -16.34
C LYS D 155 -9.44 38.72 -15.17
N LYS D 156 -10.17 39.79 -15.47
CA LYS D 156 -10.68 40.67 -14.44
C LYS D 156 -11.67 40.00 -13.50
N CYS D 157 -12.46 39.07 -14.03
CA CYS D 157 -13.47 38.35 -13.24
C CYS D 157 -12.93 37.04 -12.69
N ASP D 158 -11.65 36.77 -12.94
CA ASP D 158 -11.03 35.56 -12.46
C ASP D 158 -11.89 34.33 -12.81
N ILE D 159 -12.07 34.12 -14.12
CA ILE D 159 -12.85 32.99 -14.62
C ILE D 159 -11.85 32.16 -15.41
N SER D 160 -11.75 30.88 -15.10
CA SER D 160 -10.83 30.01 -15.83
C SER D 160 -11.57 29.35 -16.97
N LEU D 161 -10.83 28.78 -17.91
CA LEU D 161 -11.43 28.16 -19.08
C LEU D 161 -10.75 26.85 -19.50
N GLN D 162 -11.53 25.96 -20.12
CA GLN D 162 -11.04 24.70 -20.65
C GLN D 162 -11.84 24.35 -21.90
N PHE D 163 -11.19 23.71 -22.87
CA PHE D 163 -11.86 23.32 -24.11
C PHE D 163 -11.82 21.83 -24.30
N PHE D 164 -12.86 21.29 -24.92
CA PHE D 164 -12.97 19.86 -25.18
C PHE D 164 -13.43 19.66 -26.62
N LEU D 165 -12.58 19.02 -27.40
CA LEU D 165 -12.81 18.80 -28.82
C LEU D 165 -12.81 17.32 -29.22
N PRO D 166 -13.21 17.02 -30.48
CA PRO D 166 -13.26 15.65 -31.00
C PRO D 166 -11.86 15.11 -31.30
N PHE D 167 -10.89 16.02 -31.43
CA PHE D 167 -9.52 15.62 -31.74
C PHE D 167 -8.50 16.11 -30.72
N SER D 168 -7.42 15.35 -30.55
CA SER D 168 -6.35 15.70 -29.62
C SER D 168 -5.55 16.90 -30.11
N LEU D 169 -4.81 17.52 -29.20
CA LEU D 169 -4.00 18.68 -29.56
C LEU D 169 -2.52 18.30 -29.67
N GLY D 170 -2.17 17.15 -29.11
CA GLY D 170 -0.79 16.72 -29.17
C GLY D 170 -0.62 15.21 -29.03
N GLY D 181 -6.69 4.32 -37.67
CA GLY D 181 -6.77 2.97 -37.02
C GLY D 181 -8.04 2.80 -36.20
N PRO D 182 -8.39 1.56 -35.81
CA PRO D 182 -9.61 1.31 -35.02
C PRO D 182 -9.72 2.32 -33.88
N PHE D 183 -10.84 3.02 -33.83
CA PHE D 183 -11.06 4.03 -32.80
C PHE D 183 -11.75 3.45 -31.58
N ARG D 184 -11.14 3.67 -30.42
CA ARG D 184 -11.68 3.17 -29.17
C ARG D 184 -11.86 4.34 -28.22
N LEU D 185 -13.12 4.68 -27.93
CA LEU D 185 -13.40 5.79 -27.03
C LEU D 185 -12.76 5.58 -25.66
N GLY D 186 -11.95 6.56 -25.23
CA GLY D 186 -11.27 6.46 -23.96
C GLY D 186 -10.00 5.63 -23.99
N GLY D 187 -9.63 5.16 -25.17
CA GLY D 187 -8.45 4.33 -25.32
C GLY D 187 -7.17 5.13 -25.24
N HIS D 188 -6.05 4.44 -25.39
CA HIS D 188 -4.72 5.04 -25.34
C HIS D 188 -4.00 4.86 -26.68
N GLY D 189 -4.02 5.86 -27.56
CA GLY D 189 -3.33 5.68 -28.83
C GLY D 189 -3.73 6.49 -30.05
N PRO D 190 -5.03 6.72 -30.29
CA PRO D 190 -5.45 7.50 -31.47
C PRO D 190 -5.08 8.98 -31.39
N SER D 191 -4.88 9.59 -32.55
CA SER D 191 -4.54 11.01 -32.62
C SER D 191 -4.97 11.58 -33.97
N PHE D 192 -6.24 11.99 -34.06
CA PHE D 192 -6.77 12.56 -35.30
C PHE D 192 -5.78 13.61 -35.77
N PRO D 193 -5.06 13.33 -36.88
CA PRO D 193 -4.08 14.29 -37.39
C PRO D 193 -4.74 15.66 -37.64
N LEU D 194 -4.07 16.73 -37.23
CA LEU D 194 -4.63 18.07 -37.41
C LEU D 194 -4.85 18.38 -38.90
N LYS D 195 -4.59 17.37 -39.74
CA LYS D 195 -4.77 17.50 -41.19
C LYS D 195 -6.15 16.98 -41.61
N GLY D 196 -6.69 16.06 -40.83
CA GLY D 196 -8.01 15.50 -41.13
C GLY D 196 -9.14 16.47 -40.81
N ILE D 197 -8.82 17.52 -40.06
CA ILE D 197 -9.81 18.53 -39.71
C ILE D 197 -9.92 19.51 -40.86
N THR D 198 -11.08 20.14 -41.01
CA THR D 198 -11.32 21.09 -42.08
C THR D 198 -10.45 22.34 -41.88
N GLU D 199 -10.54 23.27 -42.83
CA GLU D 199 -9.76 24.49 -42.72
C GLU D 199 -10.42 25.40 -41.70
N GLN D 200 -11.75 25.34 -41.64
CA GLN D 200 -12.47 26.16 -40.69
C GLN D 200 -12.06 25.72 -39.27
N GLN D 201 -11.93 24.41 -39.08
CA GLN D 201 -11.52 23.88 -37.79
C GLN D 201 -10.10 24.29 -37.42
N LYS D 202 -9.24 24.43 -38.42
CA LYS D 202 -7.86 24.84 -38.15
C LYS D 202 -7.83 26.29 -37.71
N GLU D 203 -8.75 27.09 -38.23
CA GLU D 203 -8.82 28.50 -37.86
C GLU D 203 -9.35 28.57 -36.43
N GLY D 204 -10.46 27.91 -36.18
CA GLY D 204 -11.04 27.90 -34.85
C GLY D 204 -10.03 27.41 -33.81
N LEU D 205 -9.24 26.39 -34.16
CA LEU D 205 -8.26 25.87 -33.24
C LEU D 205 -7.16 26.87 -32.90
N GLU D 206 -6.72 27.64 -33.89
CA GLU D 206 -5.68 28.63 -33.64
C GLU D 206 -6.15 29.67 -32.64
N ILE D 207 -7.41 30.08 -32.77
CA ILE D 207 -8.01 31.08 -31.87
C ILE D 207 -8.10 30.51 -30.45
N VAL D 208 -8.55 29.27 -30.35
CA VAL D 208 -8.67 28.60 -29.06
C VAL D 208 -7.27 28.56 -28.43
N LYS D 209 -6.26 28.25 -29.24
CA LYS D 209 -4.89 28.19 -28.74
C LYS D 209 -4.45 29.57 -28.22
N MET D 210 -4.70 30.61 -29.01
CA MET D 210 -4.33 31.97 -28.63
C MET D 210 -5.00 32.37 -27.32
N VAL D 211 -6.29 32.12 -27.23
CA VAL D 211 -7.05 32.44 -26.03
C VAL D 211 -6.43 31.76 -24.80
N MET D 212 -6.25 30.44 -24.88
CA MET D 212 -5.67 29.68 -23.78
C MET D 212 -4.26 30.13 -23.38
N ILE D 213 -3.48 30.59 -24.35
CA ILE D 213 -2.13 31.05 -24.06
C ILE D 213 -2.17 32.41 -23.37
N SER D 214 -3.15 33.23 -23.71
CA SER D 214 -3.27 34.54 -23.08
C SER D 214 -3.69 34.34 -21.62
N LEU D 215 -4.63 33.42 -21.41
CA LEU D 215 -5.15 33.15 -20.08
C LEU D 215 -4.24 32.35 -19.17
N GLU D 216 -3.58 31.34 -19.72
CA GLU D 216 -2.73 30.47 -18.91
C GLU D 216 -1.25 30.57 -19.21
N GLY D 217 -0.92 30.89 -20.45
CA GLY D 217 0.48 30.97 -20.85
C GLY D 217 0.85 29.69 -21.54
N GLU D 218 2.15 29.41 -21.60
CA GLU D 218 2.64 28.20 -22.23
C GLU D 218 1.80 26.96 -21.93
N ASP D 219 1.40 26.80 -20.67
CA ASP D 219 0.62 25.64 -20.27
C ASP D 219 -0.84 25.67 -20.72
N GLY D 220 -1.27 26.77 -21.30
CA GLY D 220 -2.64 26.86 -21.76
C GLY D 220 -3.00 25.75 -22.73
N LEU D 221 -2.02 25.36 -23.54
CA LEU D 221 -2.23 24.31 -24.53
C LEU D 221 -2.70 23.04 -23.83
N ASP D 222 -2.23 22.86 -22.60
CA ASP D 222 -2.60 21.71 -21.77
C ASP D 222 -4.09 21.69 -21.36
N GLU D 223 -4.80 22.80 -21.52
CA GLU D 223 -6.19 22.81 -21.14
C GLU D 223 -7.13 22.56 -22.32
N ILE D 224 -6.59 22.02 -23.40
CA ILE D 224 -7.39 21.71 -24.57
C ILE D 224 -7.38 20.19 -24.66
N TYR D 225 -8.54 19.55 -24.56
CA TYR D 225 -8.60 18.09 -24.59
C TYR D 225 -9.52 17.49 -25.65
N SER D 226 -9.32 16.21 -25.93
CA SER D 226 -10.17 15.48 -26.86
C SER D 226 -11.21 14.88 -25.94
N PHE D 227 -12.43 14.68 -26.42
CA PHE D 227 -13.46 14.09 -25.58
C PHE D 227 -12.96 12.72 -25.12
N SER D 228 -12.35 11.99 -26.04
CA SER D 228 -11.85 10.65 -25.75
C SER D 228 -10.90 10.57 -24.56
N GLU D 229 -9.94 11.47 -24.49
CA GLU D 229 -8.99 11.43 -23.40
C GLU D 229 -9.62 11.97 -22.12
N SER D 230 -10.64 12.83 -22.27
CA SER D 230 -11.33 13.42 -21.13
C SER D 230 -12.03 12.38 -20.29
N LEU D 231 -12.51 11.34 -20.95
CA LEU D 231 -13.23 10.26 -20.28
C LEU D 231 -12.30 9.44 -19.41
N ARG D 232 -10.99 9.52 -19.67
CA ARG D 232 -10.03 8.78 -18.88
C ARG D 232 -9.10 9.68 -18.07
N LYS D 233 -9.64 10.80 -17.60
CA LYS D 233 -8.87 11.74 -16.77
C LYS D 233 -9.82 12.42 -15.79
N LEU D 234 -9.26 13.19 -14.88
CA LEU D 234 -10.05 13.94 -13.92
C LEU D 234 -9.94 15.41 -14.32
N CYS D 235 -9.47 15.66 -15.54
CA CYS D 235 -9.28 17.02 -16.02
C CYS D 235 -10.50 17.93 -15.98
N VAL D 236 -11.70 17.39 -16.16
CA VAL D 236 -12.90 18.24 -16.11
C VAL D 236 -13.14 18.79 -14.70
N PHE D 237 -12.56 18.16 -13.68
CA PHE D 237 -12.73 18.63 -12.30
C PHE D 237 -11.51 19.41 -11.86
N LYS D 238 -10.46 19.34 -12.66
CA LYS D 238 -9.19 19.97 -12.35
C LYS D 238 -9.20 21.36 -11.74
N LYS D 239 -10.04 22.25 -12.26
CA LYS D 239 -10.08 23.62 -11.79
C LYS D 239 -11.07 23.88 -10.68
N ILE D 240 -11.67 22.82 -10.14
CA ILE D 240 -12.64 22.98 -9.06
C ILE D 240 -12.40 21.97 -7.95
N GLU D 241 -11.20 21.39 -7.92
CA GLU D 241 -10.83 20.40 -6.91
C GLU D 241 -10.63 21.03 -5.53
N ARG D 242 -11.11 20.33 -4.53
CA ARG D 242 -10.99 20.78 -3.15
C ARG D 242 -9.52 20.76 -2.75
N HIS D 243 -8.98 21.93 -2.44
CA HIS D 243 -7.57 22.06 -2.04
C HIS D 243 -7.35 21.39 -0.68
N SER D 244 -6.21 20.71 -0.54
CA SER D 244 -5.91 19.99 0.70
C SER D 244 -5.64 20.86 1.93
N ILE D 245 -5.93 20.28 3.08
CA ILE D 245 -5.72 20.94 4.38
C ILE D 245 -4.27 20.80 4.80
N HIS D 246 -3.70 21.85 5.38
CA HIS D 246 -2.31 21.80 5.81
C HIS D 246 -2.23 21.34 7.25
N TRP D 247 -1.08 20.78 7.61
CA TRP D 247 -0.84 20.28 8.97
C TRP D 247 0.38 21.04 9.52
N PRO D 248 0.17 21.91 10.52
CA PRO D 248 1.22 22.73 11.15
C PRO D 248 2.04 21.94 12.16
N CYS D 249 3.33 22.19 12.22
CA CYS D 249 4.21 21.52 13.18
C CYS D 249 5.63 22.07 13.03
N ARG D 250 6.54 21.61 13.88
CA ARG D 250 7.91 22.08 13.80
C ARG D 250 8.83 20.88 13.59
N LEU D 251 9.73 20.99 12.62
CA LEU D 251 10.69 19.91 12.37
C LEU D 251 11.84 20.23 13.32
N THR D 252 12.10 19.33 14.25
CA THR D 252 13.16 19.54 15.23
C THR D 252 14.40 18.70 15.02
N ILE D 253 15.56 19.32 15.22
CA ILE D 253 16.86 18.66 15.14
C ILE D 253 17.50 19.00 16.49
N GLY D 254 17.45 18.04 17.42
CA GLY D 254 17.98 18.29 18.74
C GLY D 254 16.85 19.00 19.46
N SER D 255 17.17 19.89 20.40
CA SER D 255 16.11 20.60 21.11
C SER D 255 16.30 22.10 21.00
N ASN D 256 17.33 22.52 20.26
CA ASN D 256 17.61 23.94 20.08
C ASN D 256 17.39 24.43 18.65
N LEU D 257 17.07 23.51 17.74
CA LEU D 257 16.81 23.86 16.36
C LEU D 257 15.42 23.43 15.93
N SER D 258 14.57 24.41 15.69
CA SER D 258 13.19 24.18 15.28
C SER D 258 12.97 24.83 13.91
N ILE D 259 12.09 24.22 13.11
CA ILE D 259 11.79 24.74 11.78
C ILE D 259 10.29 24.58 11.55
N ARG D 260 9.61 25.70 11.40
CA ARG D 260 8.18 25.67 11.18
C ARG D 260 7.89 25.07 9.81
N ILE D 261 7.03 24.07 9.78
CA ILE D 261 6.70 23.39 8.53
C ILE D 261 5.20 23.18 8.40
N ALA D 262 4.76 22.85 7.20
CA ALA D 262 3.35 22.56 6.96
C ALA D 262 3.34 21.34 6.07
N ALA D 263 2.59 20.33 6.46
CA ALA D 263 2.53 19.11 5.67
C ALA D 263 1.18 18.94 4.97
N TYR D 264 1.23 18.39 3.77
CA TYR D 264 0.02 18.13 2.99
C TYR D 264 0.11 16.67 2.55
N LYS D 265 -1.02 16.00 2.38
CA LYS D 265 -1.00 14.63 1.92
C LYS D 265 -0.99 14.60 0.39
N SER D 266 0.10 14.08 -0.17
CA SER D 266 0.27 13.97 -1.63
C SER D 266 -0.49 12.78 -2.21
N ILE D 267 -0.36 11.64 -1.54
CA ILE D 267 -1.04 10.43 -1.98
C ILE D 267 -1.91 9.97 -0.83
N LEU D 268 -3.17 9.68 -1.13
CA LEU D 268 -4.12 9.20 -0.15
C LEU D 268 -5.24 8.55 -0.94
N GLN D 269 -5.42 7.26 -0.75
CA GLN D 269 -6.45 6.53 -1.48
C GLN D 269 -7.83 7.15 -1.32
N GLU D 270 -8.46 7.42 -2.46
CA GLU D 270 -9.79 8.00 -2.51
C GLU D 270 -10.74 6.83 -2.25
N ARG D 271 -11.74 7.07 -1.41
CA ARG D 271 -12.71 6.03 -1.07
C ARG D 271 -14.12 6.53 -1.28
N VAL D 272 -15.08 5.63 -1.35
CA VAL D 272 -16.47 6.03 -1.51
C VAL D 272 -16.88 6.71 -0.20
N LYS D 273 -17.67 7.78 -0.30
CA LYS D 273 -18.12 8.50 0.90
C LYS D 273 -19.47 8.00 1.40
N LYS D 274 -20.38 7.75 0.47
CA LYS D 274 -21.71 7.28 0.84
C LYS D 274 -21.69 5.81 1.21
N THR D 275 -22.34 5.50 2.32
CA THR D 275 -22.42 4.12 2.80
C THR D 275 -23.80 3.59 2.41
N TRP D 276 -23.93 2.28 2.32
CA TRP D 276 -25.23 1.71 1.98
C TRP D 276 -25.95 1.45 3.31
N THR D 277 -27.17 1.95 3.44
CA THR D 277 -27.94 1.75 4.65
C THR D 277 -28.86 0.55 4.44
N VAL D 278 -28.85 -0.38 5.38
CA VAL D 278 -29.69 -1.56 5.27
C VAL D 278 -31.10 -1.15 5.67
N VAL D 279 -32.08 -1.43 4.81
CA VAL D 279 -33.46 -1.09 5.10
C VAL D 279 -34.43 -2.22 4.79
N ASP D 280 -35.65 -2.10 5.31
CA ASP D 280 -36.68 -3.12 5.10
C ASP D 280 -37.11 -3.15 3.64
N ALA D 281 -37.15 -4.34 3.06
CA ALA D 281 -37.53 -4.51 1.66
C ALA D 281 -38.93 -4.00 1.33
N LYS D 282 -39.75 -3.76 2.34
CA LYS D 282 -41.10 -3.30 2.13
C LYS D 282 -41.28 -1.81 2.41
N THR D 283 -40.92 -1.37 3.61
CA THR D 283 -41.05 0.05 3.95
C THR D 283 -39.87 0.85 3.39
N LEU D 284 -38.81 0.14 3.02
CA LEU D 284 -37.61 0.77 2.49
C LEU D 284 -37.11 1.81 3.46
N LYS D 285 -37.45 1.63 4.74
CA LYS D 285 -37.03 2.54 5.79
C LYS D 285 -35.98 1.90 6.70
N LYS D 286 -35.17 2.74 7.34
CA LYS D 286 -34.12 2.27 8.23
C LYS D 286 -34.60 1.90 9.63
N GLU D 287 -35.53 2.68 10.16
CA GLU D 287 -36.06 2.45 11.50
C GLU D 287 -36.69 1.07 11.69
N ASP D 288 -37.16 0.48 10.58
CA ASP D 288 -37.78 -0.84 10.63
C ASP D 288 -36.79 -1.97 10.91
N ILE D 289 -35.51 -1.66 10.90
CA ILE D 289 -34.47 -2.66 11.14
C ILE D 289 -33.70 -2.38 12.43
N GLN D 290 -33.38 -3.44 13.16
CA GLN D 290 -32.65 -3.31 14.41
C GLN D 290 -31.80 -4.56 14.69
N LYS D 291 -30.57 -4.33 15.15
CA LYS D 291 -29.67 -5.44 15.45
C LYS D 291 -29.39 -5.62 16.93
N GLU D 292 -29.55 -6.85 17.41
CA GLU D 292 -29.30 -7.17 18.81
C GLU D 292 -28.25 -8.26 18.93
N THR D 293 -27.08 -7.88 19.45
CA THR D 293 -25.97 -8.79 19.63
C THR D 293 -25.95 -9.37 21.04
N VAL D 294 -26.20 -10.68 21.13
CA VAL D 294 -26.24 -11.37 22.42
C VAL D 294 -24.94 -12.15 22.67
N TYR D 295 -24.71 -12.53 23.93
CA TYR D 295 -23.49 -13.25 24.31
C TYR D 295 -23.75 -14.59 25.00
N CYS D 296 -22.96 -15.59 24.66
CA CYS D 296 -23.11 -16.92 25.24
C CYS D 296 -21.75 -17.61 25.49
N LEU D 297 -21.75 -18.64 26.33
CA LEU D 297 -20.53 -19.38 26.63
C LEU D 297 -20.06 -20.14 25.39
N ASN D 298 -18.98 -19.67 24.77
CA ASN D 298 -18.44 -20.28 23.55
C ASN D 298 -18.33 -21.80 23.64
N ASP D 299 -17.92 -22.31 24.81
CA ASP D 299 -17.79 -23.75 25.00
C ASP D 299 -19.20 -24.32 24.85
N ASP D 300 -19.33 -25.64 24.86
CA ASP D 300 -20.64 -26.27 24.72
C ASP D 300 -21.65 -25.75 25.75
N ASP D 301 -22.91 -26.15 25.60
CA ASP D 301 -23.96 -25.71 26.49
C ASP D 301 -24.05 -24.18 26.35
N GLU D 302 -24.41 -23.76 25.13
CA GLU D 302 -24.53 -22.36 24.76
C GLU D 302 -25.46 -21.57 25.67
N THR D 303 -24.92 -21.17 26.81
CA THR D 303 -25.69 -20.41 27.79
C THR D 303 -25.46 -18.91 27.58
N GLU D 304 -26.55 -18.15 27.50
CA GLU D 304 -26.47 -16.70 27.30
C GLU D 304 -25.89 -16.02 28.54
N VAL D 305 -25.51 -14.75 28.39
CA VAL D 305 -24.96 -13.97 29.49
C VAL D 305 -25.44 -12.54 29.35
N LEU D 306 -25.69 -11.89 30.48
CA LEU D 306 -26.17 -10.51 30.49
C LEU D 306 -24.99 -9.54 30.45
N LYS D 307 -25.19 -8.41 29.76
CA LYS D 307 -24.16 -7.39 29.64
C LYS D 307 -23.55 -7.01 30.98
N GLU D 308 -24.27 -7.25 32.06
CA GLU D 308 -23.77 -6.92 33.40
C GLU D 308 -22.87 -8.01 33.96
N ASP D 309 -22.39 -8.90 33.10
CA ASP D 309 -21.50 -9.99 33.53
C ASP D 309 -20.30 -10.21 32.62
N ILE D 310 -20.11 -9.31 31.66
CA ILE D 310 -18.99 -9.42 30.74
C ILE D 310 -17.93 -8.34 30.97
N ILE D 311 -16.66 -8.76 31.01
CA ILE D 311 -15.55 -7.84 31.21
C ILE D 311 -14.59 -7.91 30.02
N GLN D 312 -13.65 -6.97 29.96
CA GLN D 312 -12.69 -6.95 28.87
C GLN D 312 -11.43 -7.72 29.22
N GLY D 313 -10.83 -8.32 28.19
CA GLY D 313 -9.62 -9.09 28.39
C GLY D 313 -8.79 -9.21 27.12
N PHE D 314 -7.60 -9.76 27.26
CA PHE D 314 -6.72 -9.94 26.12
C PHE D 314 -6.04 -11.29 26.20
N ARG D 315 -5.54 -11.76 25.07
CA ARG D 315 -4.83 -13.01 25.06
C ARG D 315 -3.34 -12.71 25.05
N TYR D 316 -2.59 -13.52 25.79
CA TYR D 316 -1.15 -13.42 25.84
C TYR D 316 -0.81 -14.89 25.61
N GLY D 317 -0.65 -15.25 24.34
CA GLY D 317 -0.38 -16.62 24.02
C GLY D 317 -1.60 -17.44 24.43
N SER D 318 -1.37 -18.43 25.29
CA SER D 318 -2.43 -19.30 25.79
C SER D 318 -3.15 -18.69 27.00
N ASP D 319 -2.57 -17.65 27.57
CA ASP D 319 -3.14 -16.98 28.72
C ASP D 319 -4.24 -16.03 28.34
N ILE D 320 -5.20 -15.87 29.23
CA ILE D 320 -6.30 -14.95 29.02
C ILE D 320 -6.13 -13.98 30.17
N VAL D 321 -6.00 -12.71 29.84
CA VAL D 321 -5.76 -11.69 30.85
C VAL D 321 -6.79 -10.58 30.94
N PRO D 322 -7.63 -10.61 31.98
CA PRO D 322 -8.63 -9.55 32.12
C PRO D 322 -7.91 -8.21 32.29
N PHE D 323 -8.31 -7.23 31.50
CA PHE D 323 -7.70 -5.90 31.52
C PHE D 323 -8.82 -4.95 31.12
N SER D 324 -9.38 -4.24 32.09
CA SER D 324 -10.48 -3.31 31.81
C SER D 324 -10.00 -2.13 30.98
N LYS D 325 -10.94 -1.41 30.36
CA LYS D 325 -10.58 -0.26 29.55
C LYS D 325 -10.09 0.89 30.43
N VAL D 326 -10.49 0.86 31.69
CA VAL D 326 -10.08 1.88 32.64
C VAL D 326 -8.60 1.69 32.97
N ASP D 327 -8.22 0.46 33.32
CA ASP D 327 -6.83 0.16 33.67
C ASP D 327 -5.93 0.34 32.47
N GLU D 328 -6.41 -0.10 31.31
CA GLU D 328 -5.69 -0.02 30.06
C GLU D 328 -5.45 1.42 29.66
N GLU D 329 -6.38 2.28 30.09
CA GLU D 329 -6.32 3.69 29.80
C GLU D 329 -5.15 4.37 30.50
N GLN D 330 -4.80 3.88 31.68
CA GLN D 330 -3.72 4.48 32.45
C GLN D 330 -2.35 3.86 32.26
N MET D 331 -2.30 2.55 32.02
CA MET D 331 -1.01 1.87 31.82
C MET D 331 -0.60 2.03 30.36
N LYS D 332 -1.57 2.42 29.54
CA LYS D 332 -1.40 2.63 28.10
C LYS D 332 -0.23 3.56 27.79
N TYR D 333 0.52 3.23 26.74
CA TYR D 333 1.64 4.06 26.33
C TYR D 333 1.08 5.43 25.95
N LYS D 334 1.71 6.49 26.45
CA LYS D 334 1.27 7.84 26.15
C LYS D 334 2.45 8.69 25.69
N SER D 335 2.23 9.49 24.64
CA SER D 335 3.26 10.35 24.07
C SER D 335 3.08 11.82 24.39
N GLU D 336 4.15 12.60 24.18
CA GLU D 336 4.08 14.05 24.41
C GLU D 336 3.06 14.65 23.46
N GLY D 337 3.03 14.16 22.23
CA GLY D 337 2.08 14.64 21.25
C GLY D 337 2.65 14.93 19.88
N LYS D 338 1.97 15.82 19.16
CA LYS D 338 2.35 16.24 17.82
C LYS D 338 3.87 16.39 17.71
N CYS D 339 4.45 16.03 16.58
CA CYS D 339 5.88 16.15 16.39
C CYS D 339 6.39 15.66 15.03
N PHE D 340 7.61 16.08 14.70
CA PHE D 340 8.27 15.69 13.46
C PHE D 340 9.73 15.88 13.82
N SER D 341 10.27 14.93 14.57
CA SER D 341 11.64 15.01 15.06
C SER D 341 12.64 14.15 14.35
N VAL D 342 13.76 14.75 14.00
CA VAL D 342 14.83 14.02 13.34
C VAL D 342 15.53 13.15 14.37
N LEU D 343 15.77 11.89 14.01
CA LEU D 343 16.46 10.95 14.88
C LEU D 343 17.89 10.86 14.40
N GLY D 344 18.06 11.05 13.11
CA GLY D 344 19.39 11.00 12.49
C GLY D 344 19.24 11.04 10.99
N PHE D 345 20.37 10.97 10.28
CA PHE D 345 20.34 10.97 8.83
C PHE D 345 21.18 9.80 8.35
N CYS D 346 20.80 9.21 7.22
CA CYS D 346 21.54 8.09 6.68
C CYS D 346 21.58 8.10 5.16
N LYS D 347 22.39 7.22 4.58
CA LYS D 347 22.48 7.10 3.13
C LYS D 347 21.10 6.68 2.65
N SER D 348 20.68 7.23 1.52
CA SER D 348 19.38 6.89 0.99
C SER D 348 19.35 5.41 0.63
N SER D 349 20.50 4.87 0.27
CA SER D 349 20.60 3.46 -0.11
C SER D 349 20.15 2.52 1.00
N GLN D 350 20.29 2.96 2.26
CA GLN D 350 19.88 2.12 3.39
C GLN D 350 18.37 2.12 3.59
N VAL D 351 17.66 2.87 2.75
CA VAL D 351 16.21 2.91 2.85
C VAL D 351 15.62 2.47 1.51
N GLN D 352 15.13 1.24 1.46
CA GLN D 352 14.57 0.69 0.24
C GLN D 352 13.06 0.86 0.18
N ARG D 353 12.56 1.28 -0.98
CA ARG D 353 11.13 1.52 -1.15
C ARG D 353 10.23 0.33 -0.79
N ARG D 354 10.74 -0.89 -0.95
CA ARG D 354 9.95 -2.08 -0.62
C ARG D 354 9.56 -2.12 0.85
N PHE D 355 10.20 -1.26 1.65
CA PHE D 355 9.89 -1.23 3.06
C PHE D 355 8.95 -0.10 3.45
N PHE D 356 8.47 0.65 2.45
CA PHE D 356 7.54 1.75 2.72
C PHE D 356 6.29 1.22 3.39
N MET D 357 5.80 1.96 4.38
CA MET D 357 4.62 1.56 5.15
C MET D 357 3.57 2.67 5.16
N GLY D 358 2.41 2.35 5.72
CA GLY D 358 1.36 3.32 5.82
C GLY D 358 0.46 3.39 4.62
N ASN D 359 -0.47 4.34 4.64
CA ASN D 359 -1.42 4.52 3.56
C ASN D 359 -1.45 5.97 3.11
N GLN D 360 -0.27 6.57 3.08
CA GLN D 360 -0.16 7.96 2.68
C GLN D 360 1.26 8.38 2.39
N VAL D 361 1.40 9.51 1.71
CA VAL D 361 2.69 10.11 1.44
C VAL D 361 2.48 11.55 1.87
N LEU D 362 3.46 12.14 2.54
CA LEU D 362 3.31 13.51 2.98
C LEU D 362 4.38 14.37 2.39
N LYS D 363 3.96 15.52 1.90
CA LYS D 363 4.91 16.49 1.37
C LYS D 363 5.00 17.54 2.46
N VAL D 364 6.22 17.88 2.82
CA VAL D 364 6.49 18.84 3.88
C VAL D 364 7.15 20.09 3.32
N PHE D 365 6.50 21.23 3.52
CA PHE D 365 7.00 22.52 3.07
C PHE D 365 7.24 23.39 4.30
N ALA D 366 7.87 24.53 4.09
CA ALA D 366 8.09 25.45 5.19
C ALA D 366 6.72 26.07 5.43
N ALA D 367 6.46 26.50 6.66
CA ALA D 367 5.17 27.12 7.00
C ALA D 367 4.89 28.20 5.97
N ARG D 368 3.61 28.42 5.66
CA ARG D 368 3.24 29.40 4.65
C ARG D 368 3.66 30.83 4.99
N ASP D 369 4.26 31.49 4.01
CA ASP D 369 4.70 32.89 4.14
C ASP D 369 5.85 33.13 5.11
N ASP D 370 6.52 32.06 5.54
CA ASP D 370 7.63 32.19 6.46
C ASP D 370 8.94 31.98 5.69
N GLU D 371 9.55 33.07 5.26
CA GLU D 371 10.79 32.99 4.50
C GLU D 371 11.93 32.36 5.27
N ALA D 372 12.09 32.75 6.54
CA ALA D 372 13.15 32.20 7.38
C ALA D 372 13.03 30.67 7.45
N ALA D 373 11.82 30.18 7.71
CA ALA D 373 11.57 28.75 7.76
C ALA D 373 11.88 28.12 6.40
N ALA D 374 11.46 28.79 5.33
CA ALA D 374 11.68 28.28 3.98
C ALA D 374 13.16 28.12 3.64
N VAL D 375 13.96 29.13 3.99
CA VAL D 375 15.40 29.09 3.75
C VAL D 375 16.04 27.98 4.58
N ALA D 376 15.60 27.87 5.83
CA ALA D 376 16.11 26.86 6.74
C ALA D 376 15.84 25.48 6.15
N LEU D 377 14.58 25.23 5.77
CA LEU D 377 14.23 23.94 5.19
C LEU D 377 14.95 23.71 3.88
N SER D 378 15.09 24.75 3.06
CA SER D 378 15.78 24.60 1.80
C SER D 378 17.23 24.16 2.05
N SER D 379 17.78 24.57 3.19
CA SER D 379 19.15 24.19 3.54
C SER D 379 19.21 22.68 3.73
N LEU D 380 18.28 22.18 4.52
CA LEU D 380 18.20 20.76 4.81
C LEU D 380 18.03 19.95 3.54
N ILE D 381 17.02 20.29 2.75
CA ILE D 381 16.73 19.59 1.50
C ILE D 381 17.95 19.41 0.61
N HIS D 382 18.60 20.54 0.31
CA HIS D 382 19.77 20.52 -0.55
C HIS D 382 20.98 19.81 0.07
N ALA D 383 21.13 19.86 1.39
CA ALA D 383 22.26 19.19 2.03
C ALA D 383 22.07 17.70 1.90
N LEU D 384 20.85 17.23 2.14
CA LEU D 384 20.57 15.81 2.05
C LEU D 384 20.73 15.34 0.60
N ASP D 385 20.24 16.16 -0.34
CA ASP D 385 20.36 15.84 -1.76
C ASP D 385 21.84 15.81 -2.16
N ASP D 386 22.58 16.84 -1.76
CA ASP D 386 24.01 16.94 -2.07
C ASP D 386 24.85 15.89 -1.37
N LEU D 387 24.29 15.23 -0.37
CA LEU D 387 25.00 14.20 0.38
C LEU D 387 24.40 12.83 0.08
N ASP D 388 23.38 12.81 -0.78
CA ASP D 388 22.70 11.58 -1.14
C ASP D 388 22.28 10.87 0.14
N MET D 389 21.67 11.64 1.03
CA MET D 389 21.20 11.09 2.29
C MET D 389 19.74 11.45 2.51
N VAL D 390 19.19 10.92 3.60
CA VAL D 390 17.80 11.16 3.98
C VAL D 390 17.73 11.25 5.48
N ALA D 391 16.60 11.77 5.97
CA ALA D 391 16.38 11.90 7.40
C ALA D 391 15.47 10.79 7.88
N ILE D 392 15.75 10.27 9.06
CA ILE D 392 14.92 9.23 9.65
C ILE D 392 14.27 9.98 10.81
N VAL D 393 12.95 10.09 10.77
CA VAL D 393 12.25 10.87 11.77
C VAL D 393 11.09 10.19 12.49
N ARG D 394 10.69 10.83 13.60
CA ARG D 394 9.58 10.37 14.41
C ARG D 394 8.42 11.29 14.03
N TYR D 395 7.34 10.69 13.57
CA TYR D 395 6.18 11.48 13.17
C TYR D 395 4.97 11.05 13.97
N ALA D 396 4.26 12.03 14.53
CA ALA D 396 3.07 11.78 15.31
C ALA D 396 2.07 12.86 14.96
N TYR D 397 0.98 12.46 14.33
CA TYR D 397 -0.06 13.38 13.92
C TYR D 397 -0.47 14.29 15.10
N ASP D 398 -0.90 13.68 16.20
CA ASP D 398 -1.29 14.44 17.38
C ASP D 398 -1.00 13.62 18.64
N LYS D 399 -1.36 14.15 19.79
CA LYS D 399 -1.11 13.48 21.06
C LYS D 399 -1.81 12.13 21.21
N ARG D 400 -2.76 11.88 20.32
CA ARG D 400 -3.53 10.65 20.33
C ARG D 400 -2.97 9.57 19.41
N ALA D 401 -2.50 9.99 18.24
CA ALA D 401 -1.98 9.06 17.24
C ALA D 401 -0.78 8.25 17.68
N ASN D 402 -0.71 7.00 17.23
CA ASN D 402 0.44 6.17 17.56
C ASN D 402 1.60 6.82 16.82
N PRO D 403 2.75 6.96 17.49
CA PRO D 403 3.88 7.59 16.81
C PRO D 403 4.47 6.67 15.75
N GLN D 404 5.07 7.26 14.71
CA GLN D 404 5.66 6.46 13.64
C GLN D 404 7.11 6.85 13.42
N VAL D 405 7.88 5.92 12.85
CA VAL D 405 9.26 6.20 12.52
C VAL D 405 9.11 6.25 11.02
N GLY D 406 9.82 7.15 10.37
CA GLY D 406 9.69 7.22 8.93
C GLY D 406 10.86 7.92 8.29
N VAL D 407 10.82 8.01 6.97
CA VAL D 407 11.88 8.66 6.21
C VAL D 407 11.36 9.97 5.60
N ALA D 408 12.24 10.95 5.54
CA ALA D 408 11.92 12.23 4.93
C ALA D 408 13.03 12.44 3.89
N PHE D 409 12.70 12.35 2.61
CA PHE D 409 13.72 12.53 1.60
C PHE D 409 13.52 13.76 0.72
N PRO D 410 14.61 14.33 0.22
CA PRO D 410 14.58 15.53 -0.63
C PRO D 410 13.84 15.39 -1.95
N HIS D 411 13.02 16.39 -2.26
CA HIS D 411 12.24 16.44 -3.49
C HIS D 411 12.41 17.84 -4.07
N ILE D 412 13.37 17.97 -5.00
CA ILE D 412 13.69 19.24 -5.62
C ILE D 412 13.17 19.35 -7.06
N LYS D 413 12.28 20.31 -7.29
CA LYS D 413 11.71 20.54 -8.62
C LYS D 413 12.05 21.96 -9.04
N HIS D 414 11.49 22.42 -10.15
CA HIS D 414 11.76 23.78 -10.60
C HIS D 414 10.80 24.80 -10.00
N ASN D 415 9.57 24.39 -9.70
CA ASN D 415 8.59 25.30 -9.10
C ASN D 415 8.60 25.28 -7.57
N TYR D 416 9.07 24.19 -6.97
CA TYR D 416 9.11 24.09 -5.51
C TYR D 416 10.00 22.96 -5.00
N GLU D 417 10.38 23.06 -3.72
CA GLU D 417 11.21 22.05 -3.09
C GLU D 417 10.53 21.63 -1.81
N CYS D 418 10.76 20.39 -1.41
CA CYS D 418 10.18 19.89 -0.18
C CYS D 418 10.77 18.53 0.21
N LEU D 419 10.34 18.04 1.37
CA LEU D 419 10.75 16.75 1.86
C LEU D 419 9.53 15.87 1.63
N VAL D 420 9.74 14.62 1.25
CA VAL D 420 8.63 13.69 1.05
C VAL D 420 8.72 12.79 2.28
N TYR D 421 7.59 12.60 2.96
CA TYR D 421 7.55 11.75 4.13
C TYR D 421 6.77 10.47 3.88
N VAL D 422 7.38 9.35 4.26
CA VAL D 422 6.74 8.04 4.13
C VAL D 422 7.15 7.27 5.38
N GLN D 423 6.20 6.58 5.98
CA GLN D 423 6.45 5.78 7.18
C GLN D 423 7.32 4.55 6.89
N LEU D 424 8.19 4.21 7.83
CA LEU D 424 9.06 3.05 7.72
C LEU D 424 8.49 1.99 8.65
N PRO D 425 8.96 0.75 8.52
CA PRO D 425 8.42 -0.30 9.41
C PRO D 425 9.04 -0.47 10.79
N PHE D 426 8.24 -1.03 11.69
CA PHE D 426 8.73 -1.34 13.02
C PHE D 426 9.18 -2.80 12.90
N MET D 427 10.15 -3.20 13.72
CA MET D 427 10.66 -4.57 13.70
C MET D 427 9.53 -5.60 13.72
N GLU D 428 8.48 -5.33 14.49
CA GLU D 428 7.34 -6.22 14.61
C GLU D 428 6.49 -6.29 13.36
N ASP D 429 6.84 -5.49 12.35
CA ASP D 429 6.10 -5.47 11.09
C ASP D 429 6.76 -6.37 10.03
N LEU D 430 7.99 -6.77 10.29
CA LEU D 430 8.75 -7.58 9.35
C LEU D 430 8.54 -9.07 9.43
N ARG D 431 8.77 -9.72 8.29
CA ARG D 431 8.65 -11.16 8.17
C ARG D 431 9.81 -11.64 7.31
N GLN D 432 10.70 -12.41 7.92
CA GLN D 432 11.87 -12.92 7.24
C GLN D 432 11.69 -14.29 6.59
N TYR D 433 10.68 -14.40 5.73
CA TYR D 433 10.45 -15.66 5.04
C TYR D 433 11.62 -15.88 4.08
N MET D 434 12.26 -17.04 4.18
CA MET D 434 13.37 -17.33 3.27
C MET D 434 12.76 -17.93 2.00
N PHE D 435 13.34 -17.60 0.85
CA PHE D 435 12.86 -18.12 -0.43
C PHE D 435 14.02 -18.76 -1.18
N SER D 436 13.76 -19.88 -1.82
CA SER D 436 14.80 -20.56 -2.56
C SER D 436 15.37 -19.72 -3.69
N SER D 437 16.67 -19.84 -3.89
CA SER D 437 17.35 -19.11 -4.94
C SER D 437 16.88 -19.56 -6.31
N LEU D 438 16.75 -18.60 -7.22
CA LEU D 438 16.31 -18.86 -8.58
C LEU D 438 17.46 -18.69 -9.57
N LYS D 439 18.40 -17.81 -9.27
CA LYS D 439 19.52 -17.61 -10.16
C LYS D 439 20.30 -18.92 -10.16
N ASN D 440 20.60 -19.39 -8.96
CA ASN D 440 21.33 -20.63 -8.76
C ASN D 440 20.32 -21.79 -8.75
N SER D 441 19.45 -21.83 -9.74
CA SER D 441 18.46 -22.90 -9.80
C SER D 441 18.90 -24.07 -10.66
N LYS D 442 18.78 -25.27 -10.11
CA LYS D 442 19.14 -26.47 -10.84
C LYS D 442 17.86 -27.16 -11.26
N LYS D 443 16.77 -26.42 -11.28
CA LYS D 443 15.49 -26.97 -11.69
C LYS D 443 14.76 -26.05 -12.66
N TYR D 444 14.79 -24.76 -12.37
CA TYR D 444 14.05 -23.80 -13.17
C TYR D 444 14.80 -22.80 -14.06
N ALA D 445 16.08 -23.05 -14.32
CA ALA D 445 16.86 -22.16 -15.18
C ALA D 445 16.34 -22.28 -16.62
N PRO D 446 16.01 -21.15 -17.26
CA PRO D 446 15.50 -21.18 -18.64
C PRO D 446 16.58 -21.42 -19.70
N THR D 447 16.20 -22.04 -20.81
CA THR D 447 17.15 -22.30 -21.87
C THR D 447 17.37 -21.00 -22.60
N GLU D 448 18.29 -21.01 -23.55
CA GLU D 448 18.62 -19.83 -24.33
C GLU D 448 17.43 -19.37 -25.18
N ALA D 449 16.70 -20.34 -25.73
CA ALA D 449 15.56 -20.03 -26.58
C ALA D 449 14.42 -19.39 -25.77
N GLN D 450 14.22 -19.91 -24.56
CA GLN D 450 13.18 -19.37 -23.71
C GLN D 450 13.51 -17.93 -23.33
N LEU D 451 14.78 -17.68 -23.01
CA LEU D 451 15.20 -16.32 -22.66
C LEU D 451 15.00 -15.36 -23.83
N ASN D 452 15.29 -15.81 -25.04
CA ASN D 452 15.13 -14.94 -26.21
C ASN D 452 13.66 -14.67 -26.51
N ALA D 453 12.79 -15.65 -26.22
CA ALA D 453 11.37 -15.47 -26.46
C ALA D 453 10.81 -14.44 -25.47
N VAL D 454 11.31 -14.48 -24.24
CA VAL D 454 10.86 -13.52 -23.23
C VAL D 454 11.44 -12.16 -23.55
N ASP D 455 12.67 -12.15 -24.05
CA ASP D 455 13.33 -10.92 -24.43
C ASP D 455 12.56 -10.25 -25.56
N ALA D 456 12.07 -11.04 -26.50
CA ALA D 456 11.29 -10.52 -27.61
C ALA D 456 9.90 -10.07 -27.12
N LEU D 457 9.34 -10.81 -26.17
CA LEU D 457 8.04 -10.44 -25.62
C LEU D 457 8.10 -9.09 -24.93
N ILE D 458 9.15 -8.88 -24.13
CA ILE D 458 9.29 -7.62 -23.39
C ILE D 458 9.47 -6.43 -24.32
N ASP D 459 10.17 -6.63 -25.43
CA ASP D 459 10.34 -5.52 -26.38
C ASP D 459 9.05 -5.21 -27.13
N SER D 460 8.32 -6.24 -27.52
CA SER D 460 7.09 -5.99 -28.25
C SER D 460 6.07 -5.29 -27.37
N MET D 461 6.00 -5.69 -26.10
CA MET D 461 5.05 -5.11 -25.16
C MET D 461 5.54 -3.88 -24.41
N SER D 462 6.48 -3.15 -24.99
CA SER D 462 6.98 -1.95 -24.32
C SER D 462 5.87 -0.90 -24.20
N LEU D 463 5.77 -0.30 -23.02
CA LEU D 463 4.76 0.71 -22.74
C LEU D 463 5.35 2.11 -22.77
N ALA D 464 6.55 2.22 -23.33
CA ALA D 464 7.23 3.51 -23.42
C ALA D 464 7.84 3.65 -24.80
N LYS D 465 8.25 4.86 -25.13
CA LYS D 465 8.83 5.14 -26.43
C LYS D 465 9.59 6.46 -26.39
N LYS D 466 10.81 6.48 -26.93
CA LYS D 466 11.60 7.70 -26.97
C LYS D 466 11.14 8.51 -28.18
N ASP D 467 9.99 9.16 -28.05
CA ASP D 467 9.39 9.93 -29.15
C ASP D 467 9.78 11.41 -29.17
N GLU D 468 9.27 12.13 -30.18
CA GLU D 468 9.54 13.55 -30.37
C GLU D 468 11.03 13.83 -30.24
N LYS D 469 11.82 12.80 -30.56
CA LYS D 469 13.26 12.82 -30.51
C LYS D 469 13.88 13.94 -29.68
N THR D 470 13.96 13.69 -28.38
CA THR D 470 14.51 14.63 -27.42
C THR D 470 15.14 13.80 -26.31
N ASP D 471 15.42 12.53 -26.63
CA ASP D 471 16.00 11.59 -25.68
C ASP D 471 15.02 11.35 -24.52
N THR D 472 13.81 11.85 -24.69
CA THR D 472 12.78 11.72 -23.68
C THR D 472 11.97 10.44 -23.82
N LEU D 473 11.58 9.86 -22.69
CA LEU D 473 10.77 8.66 -22.69
C LEU D 473 9.31 9.09 -22.59
N GLU D 474 8.51 8.70 -23.58
CA GLU D 474 7.10 9.04 -23.57
C GLU D 474 6.38 7.80 -23.04
N ASP D 475 5.66 7.96 -21.93
CA ASP D 475 4.90 6.85 -21.35
C ASP D 475 3.63 6.68 -22.19
N LEU D 476 3.46 5.51 -22.79
CA LEU D 476 2.30 5.23 -23.61
C LEU D 476 1.08 4.76 -22.82
N PHE D 477 1.26 4.47 -21.53
CA PHE D 477 0.17 3.99 -20.71
C PHE D 477 0.36 4.50 -19.28
N PRO D 478 0.23 5.82 -19.07
CA PRO D 478 0.38 6.46 -17.75
C PRO D 478 -0.84 6.22 -16.87
N THR D 479 -0.83 5.12 -16.14
CA THR D 479 -1.96 4.74 -15.30
C THR D 479 -2.33 5.69 -14.15
N THR D 480 -1.38 6.47 -13.63
CA THR D 480 -1.74 7.39 -12.55
C THR D 480 -2.60 8.58 -12.99
N LYS D 481 -2.85 8.71 -14.28
CA LYS D 481 -3.70 9.81 -14.77
C LYS D 481 -5.12 9.28 -14.93
N ILE D 482 -5.26 7.98 -15.00
CA ILE D 482 -6.58 7.36 -15.14
C ILE D 482 -7.36 7.31 -13.82
N PRO D 483 -8.64 7.70 -13.86
CA PRO D 483 -9.44 7.67 -12.63
C PRO D 483 -9.85 6.25 -12.20
N ASN D 484 -9.95 6.03 -10.89
CA ASN D 484 -10.34 4.72 -10.36
C ASN D 484 -11.69 4.37 -10.96
N PRO D 485 -11.75 3.33 -11.81
CA PRO D 485 -12.99 2.91 -12.47
C PRO D 485 -14.22 2.63 -11.60
N ARG D 486 -14.02 2.27 -10.34
CA ARG D 486 -15.15 1.94 -9.46
C ARG D 486 -16.12 3.11 -9.25
N PHE D 487 -15.59 4.34 -9.27
CA PHE D 487 -16.41 5.51 -9.06
C PHE D 487 -17.39 5.81 -10.17
N GLN D 488 -16.90 5.99 -11.40
CA GLN D 488 -17.82 6.28 -12.49
C GLN D 488 -18.71 5.09 -12.80
N ARG D 489 -18.26 3.90 -12.42
CA ARG D 489 -19.04 2.69 -12.61
C ARG D 489 -20.21 2.75 -11.63
N LEU D 490 -19.90 3.08 -10.38
CA LEU D 490 -20.91 3.22 -9.33
C LEU D 490 -21.94 4.28 -9.71
N PHE D 491 -21.45 5.42 -10.21
CA PHE D 491 -22.30 6.53 -10.60
C PHE D 491 -23.25 6.13 -11.74
N GLN D 492 -22.74 5.42 -12.74
CA GLN D 492 -23.57 4.98 -13.86
C GLN D 492 -24.73 4.14 -13.29
N CYS D 493 -24.42 3.28 -12.34
CA CYS D 493 -25.43 2.42 -11.73
C CYS D 493 -26.42 3.22 -10.87
N LEU D 494 -25.90 4.01 -9.93
CA LEU D 494 -26.78 4.83 -9.10
C LEU D 494 -27.77 5.62 -9.95
N LEU D 495 -27.29 6.19 -11.04
CA LEU D 495 -28.13 6.96 -11.93
C LEU D 495 -29.10 6.03 -12.65
N HIS D 496 -28.59 4.93 -13.16
CA HIS D 496 -29.45 4.01 -13.87
C HIS D 496 -30.62 3.56 -13.00
N ARG D 497 -30.34 3.25 -11.74
CA ARG D 497 -31.42 2.82 -10.86
C ARG D 497 -32.43 3.95 -10.62
N ALA D 498 -31.95 5.20 -10.63
CA ALA D 498 -32.82 6.34 -10.40
C ALA D 498 -33.78 6.61 -11.58
N LEU D 499 -33.23 6.66 -12.79
CA LEU D 499 -34.06 6.93 -13.97
C LEU D 499 -34.79 5.71 -14.54
N HIS D 500 -34.45 4.51 -14.08
CA HIS D 500 -35.12 3.29 -14.55
C HIS D 500 -35.16 2.27 -13.42
N PRO D 501 -36.09 2.43 -12.46
CA PRO D 501 -36.23 1.53 -11.31
C PRO D 501 -36.53 0.06 -11.57
N ARG D 502 -37.24 -0.25 -12.64
CA ARG D 502 -37.58 -1.63 -12.95
C ARG D 502 -36.48 -2.39 -13.69
N GLU D 503 -35.58 -1.65 -14.34
CA GLU D 503 -34.49 -2.26 -15.10
C GLU D 503 -33.33 -2.76 -14.25
N PRO D 504 -32.72 -3.90 -14.65
CA PRO D 504 -31.59 -4.42 -13.87
C PRO D 504 -30.40 -3.48 -14.12
N LEU D 505 -29.29 -3.67 -13.42
CA LEU D 505 -28.14 -2.79 -13.62
C LEU D 505 -27.51 -2.97 -15.00
N PRO D 506 -27.05 -1.87 -15.61
CA PRO D 506 -26.43 -1.92 -16.93
C PRO D 506 -25.01 -2.46 -16.86
N PRO D 507 -24.51 -3.00 -17.98
CA PRO D 507 -23.14 -3.53 -17.99
C PRO D 507 -22.11 -2.39 -18.06
N ILE D 508 -20.87 -2.70 -17.75
CA ILE D 508 -19.80 -1.71 -17.77
C ILE D 508 -19.67 -1.04 -19.14
N GLN D 509 -19.50 0.28 -19.14
CA GLN D 509 -19.36 1.03 -20.37
C GLN D 509 -18.02 0.69 -21.04
N GLN D 510 -18.04 0.56 -22.36
CA GLN D 510 -16.83 0.22 -23.11
C GLN D 510 -15.68 1.18 -22.93
N HIS D 511 -15.95 2.48 -22.88
CA HIS D 511 -14.83 3.41 -22.72
C HIS D 511 -14.04 3.11 -21.45
N ILE D 512 -14.72 2.68 -20.40
CA ILE D 512 -14.05 2.33 -19.15
C ILE D 512 -13.09 1.18 -19.47
N TRP D 513 -13.58 0.12 -20.08
CA TRP D 513 -12.71 -1.01 -20.44
C TRP D 513 -11.59 -0.52 -21.35
N ASN D 514 -11.91 0.39 -22.26
CA ASN D 514 -10.91 0.94 -23.18
C ASN D 514 -9.79 1.70 -22.45
N MET D 515 -10.08 2.30 -21.30
CA MET D 515 -9.03 3.03 -20.60
C MET D 515 -8.21 2.15 -19.68
N LEU D 516 -8.74 0.98 -19.34
CA LEU D 516 -8.03 0.07 -18.45
C LEU D 516 -7.14 -0.89 -19.21
N ASN D 517 -7.16 -0.80 -20.53
CA ASN D 517 -6.34 -1.66 -21.36
C ASN D 517 -5.22 -0.83 -22.01
N PRO D 518 -4.11 -1.49 -22.37
CA PRO D 518 -2.99 -0.78 -22.99
C PRO D 518 -3.29 -0.37 -24.41
N PRO D 519 -2.44 0.49 -25.00
CA PRO D 519 -2.64 0.93 -26.38
C PRO D 519 -2.82 -0.28 -27.29
N ALA D 520 -3.79 -0.21 -28.20
CA ALA D 520 -4.03 -1.31 -29.12
C ALA D 520 -2.76 -1.71 -29.84
N GLU D 521 -1.84 -0.77 -30.00
CA GLU D 521 -0.58 -1.02 -30.69
C GLU D 521 0.17 -2.13 -29.95
N VAL D 522 0.31 -1.95 -28.63
CA VAL D 522 1.00 -2.88 -27.75
C VAL D 522 0.45 -4.31 -27.81
N THR D 523 -0.87 -4.41 -27.68
CA THR D 523 -1.56 -5.69 -27.71
C THR D 523 -1.31 -6.42 -29.03
N THR D 524 -1.36 -5.69 -30.13
CA THR D 524 -1.15 -6.29 -31.44
C THR D 524 0.28 -6.81 -31.65
N LYS D 525 1.28 -6.02 -31.27
CA LYS D 525 2.67 -6.43 -31.42
C LYS D 525 3.05 -7.70 -30.65
N SER D 526 2.47 -7.89 -29.48
CA SER D 526 2.79 -9.03 -28.65
C SER D 526 2.29 -10.40 -29.12
N GLN D 527 1.24 -10.40 -29.94
CA GLN D 527 0.67 -11.66 -30.43
C GLN D 527 1.67 -12.73 -30.86
N ILE D 528 2.49 -12.42 -31.87
CA ILE D 528 3.46 -13.41 -32.33
C ILE D 528 4.36 -13.83 -31.16
N PRO D 529 5.00 -12.86 -30.48
CA PRO D 529 5.87 -13.22 -29.37
C PRO D 529 5.16 -14.09 -28.32
N LEU D 530 3.90 -13.77 -28.02
CA LEU D 530 3.16 -14.55 -27.05
C LEU D 530 3.02 -15.98 -27.57
N SER D 531 2.79 -16.10 -28.88
CA SER D 531 2.63 -17.42 -29.48
C SER D 531 3.92 -18.25 -29.32
N LYS D 532 5.07 -17.64 -29.50
CA LYS D 532 6.30 -18.40 -29.35
C LYS D 532 6.54 -18.83 -27.91
N ILE D 533 6.08 -18.01 -26.97
CA ILE D 533 6.22 -18.30 -25.56
C ILE D 533 5.34 -19.48 -25.16
N LYS D 534 4.16 -19.56 -25.74
CA LYS D 534 3.24 -20.66 -25.41
C LYS D 534 3.79 -22.02 -25.78
N THR D 535 4.59 -22.09 -26.85
CA THR D 535 5.14 -23.35 -27.28
C THR D 535 6.47 -23.65 -26.60
N LEU D 536 7.22 -22.61 -26.24
CA LEU D 536 8.51 -22.80 -25.58
C LEU D 536 8.41 -23.10 -24.09
N PHE D 537 7.39 -22.57 -23.43
CA PHE D 537 7.20 -22.78 -21.99
C PHE D 537 5.99 -23.66 -21.65
N PRO D 538 6.21 -24.97 -21.53
CA PRO D 538 5.07 -25.83 -21.19
C PRO D 538 4.47 -25.43 -19.86
N LEU D 539 3.14 -25.40 -19.81
CA LEU D 539 2.40 -25.04 -18.60
C LEU D 539 1.20 -25.95 -18.42
N ILE D 540 1.12 -26.64 -17.29
CA ILE D 540 0.00 -27.53 -17.03
C ILE D 540 -0.33 -27.63 -15.53
N GLU D 541 -1.62 -27.67 -15.22
CA GLU D 541 -2.08 -27.73 -13.84
C GLU D 541 -1.85 -29.06 -13.16
N ALA D 542 -1.33 -29.00 -11.93
CA ALA D 542 -1.03 -30.18 -11.15
C ALA D 542 -2.27 -31.02 -10.84
N LYS D 543 -2.09 -32.33 -10.82
CA LYS D 543 -3.19 -33.24 -10.53
C LYS D 543 -3.03 -33.83 -9.13
N LYS D 544 -1.80 -33.88 -8.64
CA LYS D 544 -1.50 -34.44 -7.33
C LYS D 544 -1.14 -33.39 -6.28
N LYS D 545 -0.79 -33.87 -5.08
CA LYS D 545 -0.39 -33.02 -3.96
C LYS D 545 -1.39 -31.90 -3.65
#